data_2DEP
#
_entry.id   2DEP
#
_cell.length_a   64.760
_cell.length_b   96.600
_cell.length_c   138.440
_cell.angle_alpha   90.00
_cell.angle_beta   90.00
_cell.angle_gamma   90.00
#
_symmetry.space_group_name_H-M   'P 21 21 21'
#
loop_
_entity.id
_entity.type
_entity.pdbx_description
1 polymer 'Thermostable celloxylanase'
2 water water
#
_entity_poly.entity_id   1
_entity_poly.type   'polypeptide(L)'
_entity_poly.pdbx_seq_one_letter_code
;MAEDIPSLAEAFRDYFPIGAAIEPGYTTGQIAELYKKHVNMLVAENAMKPASLQPTEGNFQWADADRIVQFAKENGMELR
FHTLVWHNQTPDWFFLDKEGKPMVEETDPQKREENRKLLLQRLENYIRAVVLRYKDDIKSWDVVNEVIEPNDPGGMRNSP
WYQITGTEYIEVAFRATREAGGSDIKLYINDYNTDDPVKRDILYELVKNLLEKGVPIDGVGHQTHIDIYNPPVERIIESI
KKFAGLGLDNIITELDMSIYSWNDRSDYGDSIPDYILTLQAKRYQELFDALKENKDIVSAVVFWGISDKYSWLNGFPVKR
TNAPLLFDRNFMPKPAFWAIVDPSRLRELEHHHHHH
;
_entity_poly.pdbx_strand_id   A,B
#
# COMPACT_ATOMS: atom_id res chain seq x y z
N ASP A 4 40.04 -0.46 -5.01
CA ASP A 4 39.31 -0.47 -6.32
C ASP A 4 38.74 -1.85 -6.60
N ILE A 5 37.41 -1.98 -6.53
CA ILE A 5 36.75 -3.25 -6.77
C ILE A 5 36.25 -3.32 -8.21
N PRO A 6 36.08 -4.55 -8.73
CA PRO A 6 35.61 -4.72 -10.12
C PRO A 6 34.15 -4.32 -10.34
N SER A 7 33.83 -3.99 -11.59
CA SER A 7 32.49 -3.61 -11.99
C SER A 7 31.65 -4.87 -12.20
N LEU A 8 30.45 -4.89 -11.63
CA LEU A 8 29.56 -6.03 -11.76
C LEU A 8 29.23 -6.34 -13.22
N ALA A 9 28.77 -5.33 -13.96
CA ALA A 9 28.41 -5.51 -15.36
C ALA A 9 29.62 -5.93 -16.20
N GLU A 10 30.78 -5.34 -15.94
CA GLU A 10 31.98 -5.68 -16.69
C GLU A 10 32.33 -7.17 -16.54
N ALA A 11 32.07 -7.73 -15.37
CA ALA A 11 32.37 -9.13 -15.12
C ALA A 11 31.57 -10.04 -16.04
N PHE A 12 30.42 -9.56 -16.51
CA PHE A 12 29.58 -10.36 -17.38
C PHE A 12 29.56 -9.86 -18.83
N ARG A 13 30.60 -9.14 -19.20
CA ARG A 13 30.77 -8.61 -20.55
C ARG A 13 30.50 -9.64 -21.64
N ASP A 14 31.04 -10.84 -21.44
CA ASP A 14 30.90 -11.91 -22.41
C ASP A 14 29.66 -12.78 -22.25
N TYR A 15 28.74 -12.38 -21.38
CA TYR A 15 27.54 -13.17 -21.17
C TYR A 15 26.24 -12.42 -21.43
N PHE A 16 26.02 -11.35 -20.67
CA PHE A 16 24.81 -10.56 -20.83
C PHE A 16 24.87 -9.29 -20.02
N PRO A 17 24.08 -8.28 -20.41
CA PRO A 17 24.10 -7.04 -19.64
C PRO A 17 23.52 -7.30 -18.25
N ILE A 18 23.93 -6.50 -17.28
CA ILE A 18 23.45 -6.63 -15.91
C ILE A 18 22.70 -5.34 -15.59
N GLY A 19 21.44 -5.47 -15.22
CA GLY A 19 20.63 -4.30 -14.92
C GLY A 19 20.14 -4.23 -13.49
N ALA A 20 19.50 -3.12 -13.17
CA ALA A 20 18.97 -2.92 -11.83
C ALA A 20 17.79 -1.96 -11.85
N ALA A 21 16.81 -2.25 -10.99
CA ALA A 21 15.63 -1.39 -10.86
C ALA A 21 16.12 -0.11 -10.19
N ILE A 22 15.44 1.00 -10.45
CA ILE A 22 15.85 2.27 -9.87
C ILE A 22 14.67 3.23 -9.66
N GLU A 23 14.84 4.18 -8.76
CA GLU A 23 13.83 5.20 -8.49
C GLU A 23 14.45 6.51 -8.95
N PRO A 24 13.63 7.49 -9.37
CA PRO A 24 14.16 8.77 -9.83
C PRO A 24 15.08 9.47 -8.83
N GLY A 25 14.78 9.32 -7.55
CA GLY A 25 15.60 9.96 -6.53
C GLY A 25 17.00 9.38 -6.40
N TYR A 26 17.24 8.20 -6.99
CA TYR A 26 18.56 7.58 -6.89
C TYR A 26 19.44 7.91 -8.09
N THR A 27 19.04 8.90 -8.90
CA THR A 27 19.81 9.28 -10.07
C THR A 27 20.88 10.33 -9.80
N THR A 28 21.10 10.64 -8.52
CA THR A 28 22.14 11.60 -8.13
C THR A 28 22.73 11.11 -6.81
N GLY A 29 23.87 11.66 -6.43
CA GLY A 29 24.49 11.25 -5.19
C GLY A 29 25.29 9.98 -5.27
N GLN A 30 25.73 9.49 -4.10
CA GLN A 30 26.52 8.28 -4.03
C GLN A 30 25.83 7.05 -4.62
N ILE A 31 24.54 6.89 -4.34
CA ILE A 31 23.82 5.74 -4.88
C ILE A 31 23.89 5.74 -6.41
N ALA A 32 23.81 6.93 -7.01
CA ALA A 32 23.88 7.05 -8.46
C ALA A 32 25.24 6.57 -8.98
N GLU A 33 26.31 6.85 -8.24
CA GLU A 33 27.64 6.44 -8.65
C GLU A 33 27.78 4.92 -8.60
N LEU A 34 27.04 4.30 -7.68
CA LEU A 34 27.06 2.85 -7.54
C LEU A 34 26.44 2.23 -8.80
N TYR A 35 25.35 2.83 -9.28
CA TYR A 35 24.69 2.34 -10.49
C TYR A 35 25.63 2.53 -11.69
N LYS A 36 26.22 3.71 -11.80
CA LYS A 36 27.12 4.01 -12.90
C LYS A 36 28.29 3.07 -13.01
N LYS A 37 28.80 2.59 -11.88
CA LYS A 37 29.93 1.68 -11.92
C LYS A 37 29.60 0.22 -12.15
N HIS A 38 28.44 -0.21 -11.67
CA HIS A 38 28.08 -1.62 -11.76
C HIS A 38 27.04 -2.16 -12.74
N VAL A 39 26.18 -1.31 -13.29
CA VAL A 39 25.18 -1.80 -14.24
C VAL A 39 25.18 -1.07 -15.57
N ASN A 40 24.72 -1.76 -16.62
CA ASN A 40 24.64 -1.18 -17.94
C ASN A 40 23.22 -1.31 -18.49
N MET A 41 22.25 -1.43 -17.58
CA MET A 41 20.84 -1.55 -17.93
C MET A 41 20.01 -1.10 -16.73
N LEU A 42 18.88 -0.45 -17.01
CA LEU A 42 18.00 0.03 -15.94
C LEU A 42 16.53 -0.24 -16.22
N VAL A 43 15.76 -0.30 -15.14
CA VAL A 43 14.33 -0.50 -15.22
C VAL A 43 13.75 0.32 -14.07
N ALA A 44 12.61 0.95 -14.28
CA ALA A 44 12.01 1.75 -13.22
C ALA A 44 11.28 0.87 -12.22
N GLU A 45 11.63 1.00 -10.94
CA GLU A 45 10.99 0.20 -9.91
C GLU A 45 9.50 0.55 -9.80
N ASN A 46 9.17 1.83 -9.94
CA ASN A 46 7.78 2.27 -9.81
C ASN A 46 7.31 3.37 -10.74
N ALA A 47 8.24 4.19 -11.22
CA ALA A 47 7.92 5.34 -12.06
C ALA A 47 7.24 5.09 -13.41
N MET A 48 7.22 3.85 -13.87
CA MET A 48 6.59 3.58 -15.15
C MET A 48 5.36 2.66 -15.09
N LYS A 49 4.82 2.47 -13.88
CA LYS A 49 3.63 1.66 -13.72
C LYS A 49 2.44 2.57 -14.04
N PRO A 50 1.27 1.99 -14.36
CA PRO A 50 0.07 2.76 -14.69
C PRO A 50 -0.28 3.86 -13.68
N ALA A 51 -0.19 3.53 -12.40
CA ALA A 51 -0.51 4.49 -11.35
C ALA A 51 0.41 5.72 -11.41
N SER A 52 1.61 5.54 -11.93
CA SER A 52 2.55 6.65 -12.04
C SER A 52 2.34 7.48 -13.29
N LEU A 53 2.16 6.81 -14.44
CA LEU A 53 2.01 7.50 -15.71
C LEU A 53 0.65 8.14 -16.01
N GLN A 54 -0.45 7.54 -15.58
CA GLN A 54 -1.77 8.14 -15.82
C GLN A 54 -2.66 7.99 -14.59
N PRO A 55 -2.31 8.69 -13.49
CA PRO A 55 -3.06 8.65 -12.22
C PRO A 55 -4.57 8.87 -12.37
N THR A 56 -4.96 9.80 -13.25
CA THR A 56 -6.38 10.03 -13.54
C THR A 56 -6.45 10.14 -15.06
N GLU A 57 -7.60 9.81 -15.62
CA GLU A 57 -7.77 9.82 -17.07
C GLU A 57 -7.42 11.13 -17.78
N GLY A 58 -6.53 11.05 -18.77
CA GLY A 58 -6.13 12.21 -19.53
C GLY A 58 -5.07 13.08 -18.87
N ASN A 59 -4.70 12.73 -17.64
CA ASN A 59 -3.70 13.51 -16.93
C ASN A 59 -2.42 12.70 -16.72
N PHE A 60 -1.60 12.64 -17.76
CA PHE A 60 -0.35 11.89 -17.69
C PHE A 60 0.73 12.61 -16.88
N GLN A 61 1.60 11.81 -16.26
CA GLN A 61 2.72 12.35 -15.46
C GLN A 61 3.98 11.67 -15.99
N TRP A 62 4.83 12.44 -16.67
CA TRP A 62 6.05 11.90 -17.26
C TRP A 62 7.38 12.21 -16.57
N ALA A 63 7.41 13.22 -15.72
CA ALA A 63 8.64 13.64 -15.05
C ALA A 63 9.54 12.56 -14.47
N ASP A 64 9.01 11.75 -13.57
CA ASP A 64 9.81 10.69 -12.95
C ASP A 64 10.35 9.70 -13.97
N ALA A 65 9.50 9.23 -14.87
CA ALA A 65 9.90 8.28 -15.89
C ALA A 65 10.96 8.91 -16.81
N ASP A 66 10.73 10.16 -17.21
CA ASP A 66 11.67 10.87 -18.08
C ASP A 66 13.04 11.00 -17.41
N ARG A 67 13.04 11.25 -16.10
CA ARG A 67 14.30 11.40 -15.37
C ARG A 67 15.13 10.13 -15.45
N ILE A 68 14.49 8.98 -15.26
CA ILE A 68 15.20 7.71 -15.32
C ILE A 68 15.73 7.48 -16.74
N VAL A 69 14.93 7.83 -17.75
CA VAL A 69 15.36 7.66 -19.14
C VAL A 69 16.60 8.51 -19.41
N GLN A 70 16.60 9.76 -18.95
CA GLN A 70 17.73 10.66 -19.16
C GLN A 70 19.00 10.16 -18.46
N PHE A 71 18.86 9.69 -17.23
CA PHE A 71 20.00 9.17 -16.48
C PHE A 71 20.61 7.99 -17.22
N ALA A 72 19.75 7.13 -17.76
CA ALA A 72 20.22 5.96 -18.51
C ALA A 72 20.99 6.38 -19.76
N LYS A 73 20.42 7.29 -20.53
CA LYS A 73 21.04 7.76 -21.76
C LYS A 73 22.37 8.46 -21.52
N GLU A 74 22.45 9.25 -20.45
CA GLU A 74 23.68 9.96 -20.11
C GLU A 74 24.82 9.01 -19.77
N ASN A 75 24.45 7.80 -19.34
CA ASN A 75 25.44 6.80 -18.95
C ASN A 75 25.48 5.57 -19.86
N GLY A 76 24.90 5.69 -21.04
CA GLY A 76 24.89 4.58 -21.99
C GLY A 76 24.27 3.28 -21.52
N MET A 77 23.26 3.36 -20.65
CA MET A 77 22.60 2.16 -20.14
C MET A 77 21.35 1.83 -20.94
N GLU A 78 21.12 0.54 -21.17
CA GLU A 78 19.93 0.09 -21.89
C GLU A 78 18.74 0.23 -20.94
N LEU A 79 17.54 0.32 -21.49
CA LEU A 79 16.34 0.48 -20.66
C LEU A 79 15.28 -0.59 -20.87
N ARG A 80 14.56 -0.91 -19.80
CA ARG A 80 13.47 -1.88 -19.86
C ARG A 80 12.24 -1.13 -19.35
N PHE A 81 11.07 -1.43 -19.91
CA PHE A 81 9.84 -0.77 -19.46
C PHE A 81 9.01 -1.69 -18.58
N HIS A 82 8.77 -1.26 -17.34
CA HIS A 82 7.98 -2.00 -16.37
C HIS A 82 6.89 -1.08 -15.83
N THR A 83 5.61 -1.31 -16.15
CA THR A 83 5.09 -2.37 -17.02
C THR A 83 3.76 -1.81 -17.52
N LEU A 84 3.38 -2.11 -18.77
CA LEU A 84 2.14 -1.55 -19.32
C LEU A 84 0.81 -2.03 -18.73
N VAL A 85 0.72 -3.32 -18.39
CA VAL A 85 -0.50 -3.88 -17.86
C VAL A 85 -0.23 -4.72 -16.61
N TRP A 86 -0.95 -4.44 -15.53
CA TRP A 86 -0.77 -5.16 -14.27
C TRP A 86 -1.98 -4.94 -13.37
N HIS A 87 -2.43 -5.99 -12.68
CA HIS A 87 -3.59 -5.87 -11.79
C HIS A 87 -3.28 -4.97 -10.60
N ASN A 88 -2.01 -4.82 -10.27
CA ASN A 88 -1.59 -3.97 -9.15
C ASN A 88 -1.11 -2.62 -9.65
N GLN A 89 -1.06 -1.65 -8.74
CA GLN A 89 -0.63 -0.29 -9.06
C GLN A 89 -1.21 0.27 -10.37
N THR A 90 -2.51 0.09 -10.52
CA THR A 90 -3.27 0.58 -11.67
C THR A 90 -4.46 1.34 -11.08
N PRO A 91 -4.60 2.63 -11.41
CA PRO A 91 -5.71 3.46 -10.89
C PRO A 91 -7.07 2.81 -11.12
N ASP A 92 -7.95 2.87 -10.11
CA ASP A 92 -9.25 2.24 -10.25
C ASP A 92 -10.17 2.86 -11.30
N TRP A 93 -9.87 4.08 -11.75
CA TRP A 93 -10.72 4.72 -12.75
C TRP A 93 -10.76 3.90 -14.05
N PHE A 94 -9.69 3.15 -14.31
CA PHE A 94 -9.63 2.31 -15.49
C PHE A 94 -10.82 1.36 -15.59
N PHE A 95 -11.26 0.84 -14.45
CA PHE A 95 -12.34 -0.13 -14.41
C PHE A 95 -13.71 0.33 -13.93
N LEU A 96 -13.97 1.63 -14.02
CA LEU A 96 -15.26 2.17 -13.61
C LEU A 96 -16.08 2.45 -14.87
N ASP A 97 -17.38 2.20 -14.81
CA ASP A 97 -18.23 2.46 -15.97
C ASP A 97 -18.48 3.96 -16.08
N LYS A 98 -19.35 4.36 -16.99
CA LYS A 98 -19.65 5.78 -17.20
C LYS A 98 -20.27 6.50 -16.00
N GLU A 99 -20.84 5.75 -15.07
CA GLU A 99 -21.44 6.37 -13.89
C GLU A 99 -20.53 6.33 -12.66
N GLY A 100 -19.32 5.81 -12.84
CA GLY A 100 -18.37 5.76 -11.73
C GLY A 100 -18.51 4.54 -10.85
N LYS A 101 -19.22 3.52 -11.32
CA LYS A 101 -19.39 2.29 -10.56
C LYS A 101 -18.52 1.21 -11.19
N PRO A 102 -18.00 0.28 -10.37
CA PRO A 102 -17.14 -0.80 -10.88
C PRO A 102 -17.79 -1.61 -12.00
N MET A 103 -17.09 -1.71 -13.13
CA MET A 103 -17.59 -2.47 -14.28
C MET A 103 -17.90 -3.92 -13.91
N VAL A 104 -17.09 -4.51 -13.04
CA VAL A 104 -17.29 -5.90 -12.64
C VAL A 104 -18.64 -6.16 -11.98
N GLU A 105 -19.30 -5.09 -11.53
CA GLU A 105 -20.59 -5.21 -10.87
C GLU A 105 -21.78 -5.21 -11.84
N GLU A 106 -21.54 -4.77 -13.07
CA GLU A 106 -22.62 -4.70 -14.07
C GLU A 106 -23.14 -6.09 -14.42
N THR A 107 -24.47 -6.22 -14.43
CA THR A 107 -25.12 -7.50 -14.75
C THR A 107 -25.79 -7.51 -16.11
N ASP A 108 -26.16 -6.33 -16.61
CA ASP A 108 -26.80 -6.23 -17.91
C ASP A 108 -25.83 -6.56 -19.04
N PRO A 109 -26.12 -7.62 -19.82
CA PRO A 109 -25.28 -8.06 -20.94
C PRO A 109 -24.85 -6.96 -21.89
N GLN A 110 -25.77 -6.08 -22.26
CA GLN A 110 -25.43 -5.01 -23.19
C GLN A 110 -24.49 -3.97 -22.59
N LYS A 111 -24.72 -3.61 -21.33
CA LYS A 111 -23.85 -2.64 -20.69
C LYS A 111 -22.46 -3.25 -20.50
N ARG A 112 -22.42 -4.55 -20.23
CA ARG A 112 -21.14 -5.23 -20.06
C ARG A 112 -20.36 -5.22 -21.37
N GLU A 113 -21.07 -5.37 -22.48
CA GLU A 113 -20.44 -5.35 -23.79
C GLU A 113 -19.89 -3.95 -24.02
N GLU A 114 -20.66 -2.94 -23.63
CA GLU A 114 -20.22 -1.56 -23.79
C GLU A 114 -18.97 -1.33 -22.94
N ASN A 115 -18.99 -1.86 -21.72
CA ASN A 115 -17.85 -1.71 -20.81
C ASN A 115 -16.60 -2.42 -21.31
N ARG A 116 -16.80 -3.56 -21.98
CA ARG A 116 -15.68 -4.33 -22.53
C ARG A 116 -14.95 -3.47 -23.56
N LYS A 117 -15.72 -2.87 -24.47
CA LYS A 117 -15.16 -2.02 -25.51
C LYS A 117 -14.53 -0.76 -24.92
N LEU A 118 -15.17 -0.20 -23.90
CA LEU A 118 -14.66 1.01 -23.26
C LEU A 118 -13.31 0.75 -22.59
N LEU A 119 -13.21 -0.35 -21.86
CA LEU A 119 -11.95 -0.69 -21.18
C LEU A 119 -10.83 -0.93 -22.20
N LEU A 120 -11.14 -1.64 -23.28
CA LEU A 120 -10.14 -1.91 -24.31
C LEU A 120 -9.71 -0.62 -25.02
N GLN A 121 -10.62 0.34 -25.13
CA GLN A 121 -10.30 1.61 -25.75
C GLN A 121 -9.32 2.36 -24.83
N ARG A 122 -9.60 2.32 -23.53
CA ARG A 122 -8.74 2.97 -22.56
C ARG A 122 -7.35 2.35 -22.58
N LEU A 123 -7.29 1.03 -22.73
CA LEU A 123 -6.04 0.30 -22.78
C LEU A 123 -5.25 0.73 -24.03
N GLU A 124 -5.92 0.75 -25.18
CA GLU A 124 -5.28 1.15 -26.42
C GLU A 124 -4.71 2.56 -26.33
N ASN A 125 -5.52 3.52 -25.88
CA ASN A 125 -5.05 4.89 -25.79
C ASN A 125 -3.92 5.06 -24.79
N TYR A 126 -3.95 4.31 -23.69
CA TYR A 126 -2.90 4.40 -22.70
C TYR A 126 -1.58 3.91 -23.30
N ILE A 127 -1.62 2.71 -23.87
CA ILE A 127 -0.44 2.12 -24.48
C ILE A 127 0.14 2.98 -25.60
N ARG A 128 -0.71 3.50 -26.48
CA ARG A 128 -0.21 4.31 -27.58
C ARG A 128 0.54 5.54 -27.07
N ALA A 129 -0.01 6.22 -26.07
CA ALA A 129 0.64 7.41 -25.53
C ALA A 129 2.01 7.10 -24.93
N VAL A 130 2.06 6.05 -24.11
CA VAL A 130 3.32 5.65 -23.46
C VAL A 130 4.38 5.14 -24.44
N VAL A 131 3.98 4.26 -25.35
CA VAL A 131 4.91 3.70 -26.31
C VAL A 131 5.46 4.74 -27.28
N LEU A 132 4.59 5.62 -27.79
CA LEU A 132 5.05 6.65 -28.71
C LEU A 132 6.10 7.52 -28.03
N ARG A 133 5.90 7.82 -26.75
CA ARG A 133 6.84 8.65 -26.03
C ARG A 133 8.21 8.01 -25.80
N TYR A 134 8.22 6.72 -25.47
CA TYR A 134 9.48 6.02 -25.15
C TYR A 134 10.03 4.98 -26.12
N LYS A 135 9.34 4.71 -27.22
CA LYS A 135 9.81 3.70 -28.18
C LYS A 135 11.24 3.90 -28.67
N ASP A 136 11.65 5.15 -28.85
CA ASP A 136 12.98 5.46 -29.34
C ASP A 136 14.11 5.20 -28.34
N ASP A 137 13.81 5.23 -27.05
CA ASP A 137 14.84 5.01 -26.03
C ASP A 137 14.74 3.71 -25.25
N ILE A 138 13.57 3.08 -25.25
CA ILE A 138 13.36 1.84 -24.51
C ILE A 138 13.06 0.71 -25.49
N LYS A 139 13.93 -0.30 -25.52
CA LYS A 139 13.76 -1.40 -26.45
C LYS A 139 13.21 -2.70 -25.91
N SER A 140 13.15 -2.84 -24.59
CA SER A 140 12.65 -4.07 -23.97
C SER A 140 11.42 -3.70 -23.14
N TRP A 141 10.28 -4.32 -23.44
CA TRP A 141 9.03 -4.01 -22.75
C TRP A 141 8.29 -5.13 -22.04
N ASP A 142 7.89 -4.89 -20.79
CA ASP A 142 7.09 -5.84 -20.04
C ASP A 142 5.67 -5.37 -20.38
N VAL A 143 5.06 -5.97 -21.40
CA VAL A 143 3.72 -5.59 -21.83
C VAL A 143 2.64 -5.94 -20.82
N VAL A 144 2.60 -7.21 -20.38
CA VAL A 144 1.64 -7.61 -19.37
C VAL A 144 2.44 -8.24 -18.24
N ASN A 145 1.94 -8.06 -17.02
CA ASN A 145 2.64 -8.54 -15.83
C ASN A 145 1.73 -9.34 -14.91
N GLU A 146 2.22 -10.51 -14.48
CA GLU A 146 1.51 -11.37 -13.54
C GLU A 146 0.05 -11.68 -13.90
N VAL A 147 -0.18 -12.16 -15.12
CA VAL A 147 -1.53 -12.48 -15.56
C VAL A 147 -1.92 -13.92 -15.25
N ILE A 148 -0.99 -14.68 -14.67
CA ILE A 148 -1.22 -16.08 -14.33
C ILE A 148 -1.39 -16.32 -12.83
N GLU A 149 -2.39 -17.11 -12.47
CA GLU A 149 -2.64 -17.47 -11.08
C GLU A 149 -3.29 -18.84 -11.04
N PRO A 150 -2.50 -19.89 -10.76
CA PRO A 150 -2.97 -21.27 -10.68
C PRO A 150 -4.22 -21.50 -9.83
N ASN A 151 -4.36 -20.72 -8.76
CA ASN A 151 -5.50 -20.84 -7.86
C ASN A 151 -6.81 -20.30 -8.42
N ASP A 152 -6.74 -19.52 -9.49
CA ASP A 152 -7.93 -18.97 -10.12
C ASP A 152 -8.39 -19.90 -11.24
N PRO A 153 -9.69 -19.89 -11.56
CA PRO A 153 -10.26 -20.74 -12.60
C PRO A 153 -9.49 -20.68 -13.93
N GLY A 154 -9.08 -21.84 -14.42
CA GLY A 154 -8.35 -21.89 -15.67
C GLY A 154 -6.91 -21.41 -15.59
N GLY A 155 -6.47 -21.05 -14.39
CA GLY A 155 -5.11 -20.59 -14.21
C GLY A 155 -4.85 -19.14 -14.60
N MET A 156 -5.91 -18.43 -15.00
CA MET A 156 -5.77 -17.02 -15.38
C MET A 156 -6.13 -16.16 -14.18
N ARG A 157 -5.26 -15.22 -13.81
CA ARG A 157 -5.54 -14.35 -12.68
C ARG A 157 -6.88 -13.64 -12.91
N ASN A 158 -7.80 -13.80 -11.96
CA ASN A 158 -9.12 -13.21 -12.07
C ASN A 158 -9.17 -11.75 -11.63
N SER A 159 -8.40 -10.92 -12.31
CA SER A 159 -8.36 -9.50 -12.03
C SER A 159 -9.45 -8.81 -12.84
N PRO A 160 -9.68 -7.52 -12.61
CA PRO A 160 -10.71 -6.80 -13.37
C PRO A 160 -10.46 -6.90 -14.88
N TRP A 161 -9.18 -6.86 -15.28
CA TRP A 161 -8.83 -6.98 -16.70
C TRP A 161 -9.44 -8.24 -17.28
N TYR A 162 -9.25 -9.35 -16.58
CA TYR A 162 -9.75 -10.64 -17.02
C TYR A 162 -11.26 -10.79 -16.91
N GLN A 163 -11.82 -10.31 -15.79
CA GLN A 163 -13.26 -10.40 -15.57
C GLN A 163 -14.07 -9.66 -16.63
N ILE A 164 -13.51 -8.57 -17.13
CA ILE A 164 -14.19 -7.75 -18.12
C ILE A 164 -13.86 -8.09 -19.58
N THR A 165 -12.63 -8.53 -19.85
CA THR A 165 -12.25 -8.82 -21.22
C THR A 165 -11.71 -10.21 -21.51
N GLY A 166 -11.60 -11.06 -20.50
CA GLY A 166 -11.06 -12.39 -20.73
C GLY A 166 -9.59 -12.25 -21.06
N THR A 167 -9.12 -12.93 -22.11
CA THR A 167 -7.73 -12.83 -22.51
C THR A 167 -7.54 -11.73 -23.55
N GLU A 168 -8.63 -11.07 -23.90
CA GLU A 168 -8.58 -10.01 -24.90
C GLU A 168 -7.62 -8.88 -24.54
N TYR A 169 -7.58 -8.49 -23.27
CA TYR A 169 -6.69 -7.40 -22.88
C TYR A 169 -5.22 -7.75 -23.15
N ILE A 170 -4.88 -9.03 -23.04
CA ILE A 170 -3.51 -9.45 -23.28
C ILE A 170 -3.20 -9.38 -24.78
N GLU A 171 -4.12 -9.89 -25.59
CA GLU A 171 -3.94 -9.84 -27.05
C GLU A 171 -3.83 -8.41 -27.53
N VAL A 172 -4.74 -7.55 -27.05
CA VAL A 172 -4.74 -6.15 -27.45
C VAL A 172 -3.48 -5.42 -26.96
N ALA A 173 -3.06 -5.72 -25.74
CA ALA A 173 -1.88 -5.07 -25.19
C ALA A 173 -0.65 -5.29 -26.08
N PHE A 174 -0.38 -6.54 -26.43
CA PHE A 174 0.76 -6.84 -27.28
C PHE A 174 0.61 -6.22 -28.68
N ARG A 175 -0.57 -6.33 -29.27
CA ARG A 175 -0.81 -5.75 -30.59
C ARG A 175 -0.62 -4.24 -30.59
N ALA A 176 -1.22 -3.58 -29.60
CA ALA A 176 -1.13 -2.13 -29.49
C ALA A 176 0.30 -1.66 -29.31
N THR A 177 1.07 -2.40 -28.51
CA THR A 177 2.46 -2.03 -28.27
C THR A 177 3.28 -2.19 -29.54
N ARG A 178 3.03 -3.28 -30.28
CA ARG A 178 3.74 -3.53 -31.53
C ARG A 178 3.40 -2.49 -32.59
N GLU A 179 2.12 -2.15 -32.72
CA GLU A 179 1.72 -1.17 -33.72
C GLU A 179 2.26 0.23 -33.46
N ALA A 180 2.26 0.65 -32.19
CA ALA A 180 2.76 1.96 -31.85
C ALA A 180 4.28 2.01 -31.74
N GLY A 181 4.87 0.89 -31.34
CA GLY A 181 6.31 0.86 -31.14
C GLY A 181 7.22 0.42 -32.28
N GLY A 182 6.69 -0.34 -33.23
CA GLY A 182 7.51 -0.79 -34.34
C GLY A 182 8.02 -2.21 -34.15
N SER A 183 8.69 -2.73 -35.17
CA SER A 183 9.20 -4.10 -35.14
C SER A 183 10.52 -4.27 -34.37
N ASP A 184 11.15 -3.17 -34.01
CA ASP A 184 12.44 -3.23 -33.30
C ASP A 184 12.35 -3.49 -31.80
N ILE A 185 11.30 -3.02 -31.13
CA ILE A 185 11.20 -3.23 -29.69
C ILE A 185 10.79 -4.68 -29.40
N LYS A 186 11.28 -5.21 -28.27
CA LYS A 186 11.00 -6.59 -27.87
C LYS A 186 9.94 -6.62 -26.78
N LEU A 187 8.92 -7.44 -26.98
CA LEU A 187 7.78 -7.53 -26.06
C LEU A 187 7.79 -8.79 -25.18
N TYR A 188 7.60 -8.58 -23.89
CA TYR A 188 7.61 -9.68 -22.92
C TYR A 188 6.39 -9.80 -22.03
N ILE A 189 6.11 -11.03 -21.60
CA ILE A 189 5.05 -11.30 -20.64
C ILE A 189 5.90 -11.64 -19.41
N ASN A 190 5.69 -10.88 -18.33
CA ASN A 190 6.48 -11.05 -17.11
C ASN A 190 5.68 -11.68 -15.97
N ASP A 191 6.36 -12.47 -15.14
CA ASP A 191 5.68 -13.10 -14.00
C ASP A 191 6.68 -13.65 -12.98
N TYR A 192 6.19 -13.98 -11.79
CA TYR A 192 7.01 -14.54 -10.73
C TYR A 192 6.69 -16.02 -10.54
N ASN A 193 7.58 -16.75 -9.88
CA ASN A 193 7.43 -18.19 -9.65
C ASN A 193 7.28 -18.94 -10.97
N THR A 194 7.96 -18.45 -12.00
CA THR A 194 7.91 -19.08 -13.32
C THR A 194 8.69 -20.40 -13.31
N ASP A 195 9.34 -20.69 -12.19
CA ASP A 195 10.10 -21.93 -12.03
C ASP A 195 9.18 -23.04 -11.57
N ASP A 196 8.08 -22.68 -10.93
CA ASP A 196 7.11 -23.66 -10.44
C ASP A 196 6.52 -24.41 -11.62
N PRO A 197 6.60 -25.75 -11.61
CA PRO A 197 6.07 -26.58 -12.70
C PRO A 197 4.64 -26.24 -13.14
N VAL A 198 3.72 -26.20 -12.17
CA VAL A 198 2.33 -25.90 -12.48
C VAL A 198 2.14 -24.53 -13.13
N LYS A 199 2.67 -23.49 -12.50
CA LYS A 199 2.54 -22.15 -13.05
C LYS A 199 3.28 -22.02 -14.38
N ARG A 200 4.45 -22.65 -14.46
CA ARG A 200 5.25 -22.64 -15.68
C ARG A 200 4.45 -23.16 -16.87
N ASP A 201 3.85 -24.32 -16.70
CA ASP A 201 3.08 -24.95 -17.78
C ASP A 201 1.82 -24.16 -18.17
N ILE A 202 1.18 -23.52 -17.19
CA ILE A 202 -0.01 -22.73 -17.47
C ILE A 202 0.42 -21.55 -18.35
N LEU A 203 1.51 -20.89 -17.95
CA LEU A 203 2.04 -19.76 -18.70
C LEU A 203 2.45 -20.22 -20.10
N TYR A 204 3.08 -21.39 -20.18
CA TYR A 204 3.53 -21.95 -21.45
C TYR A 204 2.34 -22.15 -22.40
N GLU A 205 1.28 -22.78 -21.91
CA GLU A 205 0.11 -23.01 -22.73
C GLU A 205 -0.49 -21.70 -23.25
N LEU A 206 -0.60 -20.71 -22.38
CA LEU A 206 -1.15 -19.42 -22.78
C LEU A 206 -0.32 -18.78 -23.89
N VAL A 207 0.98 -18.65 -23.67
CA VAL A 207 1.86 -18.04 -24.66
C VAL A 207 1.85 -18.82 -25.97
N LYS A 208 1.83 -20.14 -25.90
CA LYS A 208 1.82 -20.96 -27.10
C LYS A 208 0.56 -20.67 -27.91
N ASN A 209 -0.58 -20.62 -27.22
CA ASN A 209 -1.86 -20.36 -27.88
C ASN A 209 -1.88 -18.96 -28.48
N LEU A 210 -1.35 -17.99 -27.73
CA LEU A 210 -1.33 -16.62 -28.21
C LEU A 210 -0.44 -16.48 -29.44
N LEU A 211 0.71 -17.15 -29.42
CA LEU A 211 1.64 -17.12 -30.55
C LEU A 211 0.98 -17.73 -31.77
N GLU A 212 0.25 -18.82 -31.56
CA GLU A 212 -0.44 -19.50 -32.65
C GLU A 212 -1.50 -18.61 -33.28
N LYS A 213 -2.01 -17.65 -32.51
CA LYS A 213 -3.04 -16.73 -33.00
C LYS A 213 -2.44 -15.46 -33.61
N GLY A 214 -1.11 -15.37 -33.60
CA GLY A 214 -0.45 -14.21 -34.18
C GLY A 214 -0.14 -13.06 -33.24
N VAL A 215 -0.26 -13.29 -31.93
CA VAL A 215 0.04 -12.24 -30.97
C VAL A 215 1.57 -12.06 -30.95
N PRO A 216 2.04 -10.82 -31.10
CA PRO A 216 3.49 -10.57 -31.10
C PRO A 216 4.16 -10.61 -29.73
N ILE A 217 4.61 -11.79 -29.32
CA ILE A 217 5.30 -11.96 -28.05
C ILE A 217 6.74 -12.40 -28.35
N ASP A 218 7.71 -11.66 -27.87
CA ASP A 218 9.12 -11.97 -28.13
C ASP A 218 9.81 -12.78 -27.04
N GLY A 219 9.32 -12.68 -25.82
CA GLY A 219 9.97 -13.43 -24.75
C GLY A 219 9.22 -13.47 -23.44
N VAL A 220 9.80 -14.17 -22.49
CA VAL A 220 9.22 -14.32 -21.16
C VAL A 220 10.13 -13.67 -20.12
N GLY A 221 9.52 -12.94 -19.20
CA GLY A 221 10.27 -12.31 -18.14
C GLY A 221 10.11 -13.16 -16.89
N HIS A 222 11.22 -13.57 -16.30
CA HIS A 222 11.21 -14.38 -15.07
C HIS A 222 11.64 -13.45 -13.94
N GLN A 223 10.70 -12.98 -13.13
CA GLN A 223 11.04 -12.06 -12.03
C GLN A 223 12.15 -12.62 -11.15
N THR A 224 12.08 -13.91 -10.86
CA THR A 224 13.08 -14.58 -10.04
C THR A 224 13.26 -13.95 -8.66
N HIS A 225 12.15 -13.74 -7.96
CA HIS A 225 12.18 -13.22 -6.61
C HIS A 225 12.30 -14.52 -5.81
N ILE A 226 13.53 -14.87 -5.44
CA ILE A 226 13.76 -16.12 -4.72
C ILE A 226 14.37 -15.88 -3.35
N ASP A 227 14.81 -16.95 -2.69
CA ASP A 227 15.44 -16.79 -1.39
C ASP A 227 16.63 -17.73 -1.22
N ILE A 228 17.32 -17.61 -0.09
CA ILE A 228 18.51 -18.42 0.15
C ILE A 228 18.27 -19.92 0.31
N TYR A 229 17.00 -20.32 0.32
CA TYR A 229 16.65 -21.73 0.46
C TYR A 229 15.99 -22.31 -0.77
N ASN A 230 15.00 -21.60 -1.29
CA ASN A 230 14.24 -22.05 -2.45
C ASN A 230 14.18 -20.98 -3.54
N PRO A 231 13.95 -21.39 -4.80
CA PRO A 231 13.75 -22.75 -5.29
C PRO A 231 15.05 -23.31 -5.87
N PRO A 232 15.02 -24.55 -6.36
CA PRO A 232 16.24 -25.16 -6.93
C PRO A 232 16.64 -24.44 -8.22
N VAL A 233 17.93 -24.20 -8.39
CA VAL A 233 18.43 -23.53 -9.58
C VAL A 233 18.01 -24.31 -10.83
N GLU A 234 17.93 -25.64 -10.70
CA GLU A 234 17.54 -26.50 -11.81
C GLU A 234 16.16 -26.14 -12.36
N ARG A 235 15.24 -25.81 -11.46
CA ARG A 235 13.88 -25.44 -11.84
C ARG A 235 13.86 -24.11 -12.58
N ILE A 236 14.70 -23.18 -12.14
CA ILE A 236 14.79 -21.88 -12.78
C ILE A 236 15.25 -22.07 -14.24
N ILE A 237 16.28 -22.90 -14.41
CA ILE A 237 16.81 -23.16 -15.75
C ILE A 237 15.86 -23.98 -16.61
N GLU A 238 15.18 -24.96 -16.00
CA GLU A 238 14.23 -25.79 -16.73
C GLU A 238 13.15 -24.93 -17.39
N SER A 239 12.64 -23.95 -16.65
CA SER A 239 11.61 -23.05 -17.16
C SER A 239 12.13 -22.24 -18.34
N ILE A 240 13.32 -21.67 -18.18
CA ILE A 240 13.94 -20.87 -19.24
C ILE A 240 14.11 -21.69 -20.51
N LYS A 241 14.61 -22.92 -20.38
CA LYS A 241 14.80 -23.76 -21.56
C LYS A 241 13.48 -24.11 -22.24
N LYS A 242 12.43 -24.35 -21.43
CA LYS A 242 11.13 -24.69 -21.98
C LYS A 242 10.58 -23.60 -22.88
N PHE A 243 10.66 -22.34 -22.42
CA PHE A 243 10.17 -21.24 -23.21
C PHE A 243 11.06 -20.99 -24.43
N ALA A 244 12.35 -21.28 -24.30
CA ALA A 244 13.27 -21.10 -25.42
C ALA A 244 12.85 -22.04 -26.55
N GLY A 245 12.20 -23.14 -26.18
CA GLY A 245 11.73 -24.10 -27.17
C GLY A 245 10.67 -23.55 -28.10
N LEU A 246 10.02 -22.47 -27.70
CA LEU A 246 8.99 -21.83 -28.52
C LEU A 246 9.59 -20.70 -29.33
N GLY A 247 10.91 -20.55 -29.24
CA GLY A 247 11.60 -19.50 -29.97
C GLY A 247 11.57 -18.18 -29.21
N LEU A 248 11.24 -18.26 -27.93
CA LEU A 248 11.14 -17.07 -27.09
C LEU A 248 12.41 -16.74 -26.31
N ASP A 249 12.69 -15.45 -26.18
CA ASP A 249 13.83 -14.99 -25.42
C ASP A 249 13.42 -15.07 -23.95
N ASN A 250 14.40 -15.04 -23.05
CA ASN A 250 14.15 -15.08 -21.63
C ASN A 250 14.98 -13.99 -20.95
N ILE A 251 14.36 -13.31 -19.98
CA ILE A 251 15.07 -12.28 -19.23
C ILE A 251 14.82 -12.48 -17.74
N ILE A 252 15.88 -12.40 -16.94
CA ILE A 252 15.72 -12.48 -15.49
C ILE A 252 15.41 -11.01 -15.23
N THR A 253 14.16 -10.72 -14.88
CA THR A 253 13.73 -9.34 -14.72
C THR A 253 13.78 -8.63 -13.38
N GLU A 254 13.63 -9.36 -12.27
CA GLU A 254 13.61 -8.70 -10.96
C GLU A 254 14.32 -9.54 -9.89
N LEU A 255 15.50 -10.01 -10.23
CA LEU A 255 16.27 -10.85 -9.31
C LEU A 255 16.65 -10.23 -7.96
N ASP A 256 16.31 -10.95 -6.90
CA ASP A 256 16.70 -10.60 -5.54
C ASP A 256 16.56 -11.89 -4.73
N MET A 257 17.21 -11.94 -3.58
CA MET A 257 17.20 -13.17 -2.78
C MET A 257 16.98 -12.89 -1.30
N SER A 258 15.73 -13.05 -0.86
CA SER A 258 15.39 -12.83 0.54
C SER A 258 16.18 -13.78 1.43
N ILE A 259 16.52 -13.33 2.64
CA ILE A 259 17.28 -14.16 3.57
C ILE A 259 16.34 -14.90 4.53
N TYR A 260 15.05 -14.89 4.22
CA TYR A 260 14.03 -15.55 5.03
C TYR A 260 13.20 -16.49 4.15
N SER A 261 12.85 -17.66 4.68
CA SER A 261 12.03 -18.62 3.94
C SER A 261 10.60 -18.10 3.87
N TRP A 262 9.77 -18.72 3.03
CA TRP A 262 8.39 -18.30 2.84
C TRP A 262 7.56 -18.19 4.12
N ASN A 263 7.73 -19.15 5.02
CA ASN A 263 6.96 -19.18 6.26
C ASN A 263 7.65 -18.54 7.46
N ASP A 264 8.76 -17.85 7.23
CA ASP A 264 9.48 -17.23 8.33
C ASP A 264 9.10 -15.76 8.49
N ARG A 265 8.80 -15.37 9.73
CA ARG A 265 8.44 -13.98 10.01
C ARG A 265 9.32 -13.42 11.12
N SER A 266 10.54 -13.92 11.22
CA SER A 266 11.47 -13.44 12.22
C SER A 266 12.23 -12.24 11.64
N ASP A 267 13.09 -11.64 12.45
CA ASP A 267 13.88 -10.48 12.02
C ASP A 267 15.28 -10.58 12.62
N TYR A 268 16.29 -10.64 11.77
CA TYR A 268 17.67 -10.72 12.24
C TYR A 268 18.11 -9.36 12.78
N GLY A 269 17.37 -8.33 12.44
CA GLY A 269 17.70 -6.99 12.90
C GLY A 269 19.01 -6.48 12.33
N ASP A 270 19.70 -5.65 13.11
CA ASP A 270 20.98 -5.10 12.68
C ASP A 270 21.85 -6.25 12.19
N SER A 271 22.09 -7.19 13.10
CA SER A 271 22.91 -8.37 12.87
C SER A 271 22.94 -9.00 11.48
N ILE A 272 22.39 -10.20 11.40
CA ILE A 272 22.33 -11.05 10.22
C ILE A 272 23.53 -11.97 10.36
N PRO A 273 23.28 -13.25 10.67
CA PRO A 273 24.34 -14.25 10.84
C PRO A 273 25.27 -14.36 9.65
N ASP A 274 26.55 -14.63 9.92
CA ASP A 274 27.53 -14.75 8.86
C ASP A 274 27.18 -15.86 7.89
N TYR A 275 26.72 -16.99 8.40
CA TYR A 275 26.39 -18.12 7.54
C TYR A 275 25.26 -17.79 6.57
N ILE A 276 24.37 -16.88 6.97
CA ILE A 276 23.26 -16.47 6.12
C ILE A 276 23.79 -15.72 4.89
N LEU A 277 24.71 -14.79 5.10
CA LEU A 277 25.30 -14.04 3.99
C LEU A 277 26.18 -14.93 3.14
N THR A 278 26.79 -15.92 3.76
CA THR A 278 27.65 -16.84 3.03
C THR A 278 26.77 -17.79 2.21
N LEU A 279 25.66 -18.21 2.79
CA LEU A 279 24.74 -19.09 2.09
C LEU A 279 24.17 -18.35 0.89
N GLN A 280 23.87 -17.07 1.09
CA GLN A 280 23.35 -16.22 0.02
C GLN A 280 24.36 -16.18 -1.13
N ALA A 281 25.62 -16.06 -0.77
CA ALA A 281 26.69 -16.01 -1.78
C ALA A 281 26.75 -17.33 -2.56
N LYS A 282 26.65 -18.44 -1.85
CA LYS A 282 26.69 -19.75 -2.51
C LYS A 282 25.52 -19.91 -3.46
N ARG A 283 24.34 -19.46 -3.04
CA ARG A 283 23.14 -19.54 -3.87
C ARG A 283 23.31 -18.68 -5.13
N TYR A 284 23.77 -17.46 -4.95
CA TYR A 284 23.98 -16.55 -6.07
C TYR A 284 25.02 -17.12 -7.04
N GLN A 285 26.10 -17.70 -6.51
CA GLN A 285 27.14 -18.26 -7.37
C GLN A 285 26.57 -19.41 -8.19
N GLU A 286 25.81 -20.28 -7.53
CA GLU A 286 25.19 -21.43 -8.19
C GLU A 286 24.24 -20.94 -9.29
N LEU A 287 23.45 -19.91 -8.97
CA LEU A 287 22.52 -19.37 -9.96
C LEU A 287 23.26 -18.80 -11.17
N PHE A 288 24.26 -17.96 -10.93
CA PHE A 288 24.97 -17.37 -12.06
C PHE A 288 25.81 -18.37 -12.86
N ASP A 289 26.29 -19.42 -12.22
CA ASP A 289 27.06 -20.42 -12.97
C ASP A 289 26.10 -21.03 -13.99
N ALA A 290 24.86 -21.24 -13.57
CA ALA A 290 23.85 -21.83 -14.45
C ALA A 290 23.40 -20.82 -15.51
N LEU A 291 23.18 -19.57 -15.13
CA LEU A 291 22.76 -18.57 -16.10
C LEU A 291 23.81 -18.39 -17.17
N LYS A 292 25.08 -18.42 -16.79
CA LYS A 292 26.15 -18.26 -17.77
C LYS A 292 26.11 -19.37 -18.81
N GLU A 293 25.70 -20.56 -18.37
CA GLU A 293 25.59 -21.71 -19.27
C GLU A 293 24.36 -21.63 -20.17
N ASN A 294 23.57 -20.56 -20.01
CA ASN A 294 22.37 -20.38 -20.81
C ASN A 294 22.29 -18.97 -21.39
N LYS A 295 23.45 -18.35 -21.58
CA LYS A 295 23.52 -17.00 -22.11
C LYS A 295 22.88 -16.81 -23.49
N ASP A 296 22.87 -17.86 -24.31
CA ASP A 296 22.29 -17.74 -25.64
C ASP A 296 20.76 -17.75 -25.68
N ILE A 297 20.13 -17.98 -24.52
CA ILE A 297 18.68 -17.96 -24.43
C ILE A 297 18.22 -17.01 -23.32
N VAL A 298 19.17 -16.29 -22.73
CA VAL A 298 18.88 -15.30 -21.68
C VAL A 298 19.59 -14.02 -22.11
N SER A 299 18.82 -13.05 -22.61
CA SER A 299 19.40 -11.82 -23.12
C SER A 299 19.83 -10.79 -22.09
N ALA A 300 19.36 -10.93 -20.85
CA ALA A 300 19.73 -9.97 -19.82
C ALA A 300 19.36 -10.48 -18.42
N VAL A 301 20.09 -10.00 -17.42
CA VAL A 301 19.84 -10.38 -16.03
C VAL A 301 19.73 -9.07 -15.26
N VAL A 302 18.53 -8.80 -14.75
CA VAL A 302 18.24 -7.57 -14.02
C VAL A 302 17.89 -7.83 -12.57
N PHE A 303 18.56 -7.10 -11.67
CA PHE A 303 18.33 -7.21 -10.22
C PHE A 303 17.24 -6.22 -9.84
N TRP A 304 16.44 -6.55 -8.83
CA TRP A 304 15.40 -5.62 -8.40
C TRP A 304 16.01 -4.67 -7.37
N GLY A 305 16.97 -3.88 -7.84
CA GLY A 305 17.64 -2.94 -6.97
C GLY A 305 19.14 -3.15 -7.04
N ILE A 306 19.88 -2.50 -6.16
CA ILE A 306 21.34 -2.63 -6.17
C ILE A 306 21.91 -2.67 -4.75
N SER A 307 21.23 -2.00 -3.82
CA SER A 307 21.67 -1.95 -2.43
C SER A 307 20.58 -2.36 -1.44
N ASP A 308 20.97 -3.09 -0.40
CA ASP A 308 20.03 -3.54 0.61
C ASP A 308 19.33 -2.37 1.30
N LYS A 309 19.86 -1.16 1.12
CA LYS A 309 19.27 0.02 1.73
C LYS A 309 17.90 0.28 1.11
N TYR A 310 17.74 -0.12 -0.15
CA TYR A 310 16.49 0.08 -0.89
C TYR A 310 15.94 -1.20 -1.48
N SER A 311 15.00 -1.82 -0.78
CA SER A 311 14.38 -3.05 -1.26
C SER A 311 12.99 -3.26 -0.66
N TRP A 312 12.05 -3.64 -1.51
CA TRP A 312 10.68 -3.89 -1.09
C TRP A 312 10.62 -5.01 -0.05
N LEU A 313 11.63 -5.87 -0.07
CA LEU A 313 11.68 -7.00 0.86
C LEU A 313 11.94 -6.58 2.31
N ASN A 314 12.32 -5.32 2.52
CA ASN A 314 12.53 -4.83 3.87
C ASN A 314 11.19 -4.43 4.47
N GLY A 315 10.15 -4.43 3.66
CA GLY A 315 8.83 -4.05 4.13
C GLY A 315 7.75 -5.08 3.82
N PHE A 316 8.05 -6.01 2.92
CA PHE A 316 7.09 -7.04 2.54
C PHE A 316 7.70 -8.42 2.70
N PRO A 317 6.96 -9.37 3.30
CA PRO A 317 5.60 -9.20 3.84
C PRO A 317 5.50 -8.36 5.11
N VAL A 318 6.62 -8.17 5.80
CA VAL A 318 6.64 -7.39 7.03
C VAL A 318 7.85 -6.47 7.09
N LYS A 319 7.80 -5.49 8.00
CA LYS A 319 8.91 -4.55 8.15
C LYS A 319 9.99 -5.21 8.99
N ARG A 320 11.14 -5.45 8.38
CA ARG A 320 12.26 -6.08 9.07
C ARG A 320 13.53 -5.86 8.27
N THR A 321 14.65 -6.33 8.79
CA THR A 321 15.91 -6.15 8.10
C THR A 321 16.18 -7.32 7.17
N ASN A 322 15.99 -7.11 5.87
CA ASN A 322 16.27 -8.15 4.89
C ASN A 322 17.62 -7.73 4.29
N ALA A 323 18.17 -8.53 3.38
CA ALA A 323 19.46 -8.22 2.75
C ALA A 323 19.49 -9.06 1.48
N PRO A 324 18.60 -8.76 0.53
CA PRO A 324 18.45 -9.46 -0.74
C PRO A 324 19.40 -9.19 -1.91
N LEU A 325 20.21 -8.14 -1.83
CA LEU A 325 21.07 -7.79 -2.96
C LEU A 325 22.58 -7.99 -2.80
N LEU A 326 23.36 -7.42 -3.72
CA LEU A 326 24.82 -7.59 -3.71
C LEU A 326 25.62 -6.55 -2.92
N PHE A 327 25.01 -5.41 -2.63
CA PHE A 327 25.70 -4.35 -1.87
C PHE A 327 24.91 -4.09 -0.61
N ASP A 328 25.59 -3.86 0.50
CA ASP A 328 24.91 -3.62 1.77
C ASP A 328 24.36 -2.20 1.91
N ARG A 329 23.88 -1.89 3.10
CA ARG A 329 23.28 -0.58 3.37
C ARG A 329 24.26 0.59 3.31
N ASN A 330 25.56 0.29 3.26
CA ASN A 330 26.58 1.32 3.16
C ASN A 330 27.18 1.32 1.76
N PHE A 331 26.51 0.60 0.86
CA PHE A 331 26.93 0.48 -0.53
C PHE A 331 28.25 -0.26 -0.70
N MET A 332 28.56 -1.14 0.25
CA MET A 332 29.79 -1.94 0.20
C MET A 332 29.46 -3.33 -0.31
N PRO A 333 30.39 -3.94 -1.07
CA PRO A 333 30.17 -5.29 -1.60
C PRO A 333 30.01 -6.36 -0.52
N LYS A 334 29.00 -7.21 -0.70
CA LYS A 334 28.72 -8.29 0.23
C LYS A 334 29.37 -9.58 -0.29
N PRO A 335 29.34 -10.66 0.50
CA PRO A 335 29.94 -11.91 0.04
C PRO A 335 29.38 -12.35 -1.31
N ALA A 336 28.08 -12.14 -1.51
CA ALA A 336 27.46 -12.53 -2.77
C ALA A 336 28.05 -11.81 -3.98
N PHE A 337 28.50 -10.57 -3.78
CA PHE A 337 29.12 -9.81 -4.87
C PHE A 337 30.41 -10.52 -5.29
N TRP A 338 31.27 -10.80 -4.33
CA TRP A 338 32.54 -11.46 -4.61
C TRP A 338 32.34 -12.86 -5.17
N ALA A 339 31.32 -13.55 -4.69
CA ALA A 339 31.03 -14.91 -5.13
C ALA A 339 30.72 -15.01 -6.63
N ILE A 340 30.16 -13.96 -7.23
CA ILE A 340 29.86 -14.05 -8.65
C ILE A 340 30.84 -13.31 -9.56
N VAL A 341 31.58 -12.34 -9.01
CA VAL A 341 32.56 -11.63 -9.84
C VAL A 341 33.92 -12.31 -9.76
N ASP A 342 34.13 -13.05 -8.67
CA ASP A 342 35.38 -13.78 -8.48
C ASP A 342 35.08 -15.02 -7.64
N PRO A 343 34.37 -15.99 -8.22
CA PRO A 343 34.00 -17.25 -7.53
C PRO A 343 35.15 -18.22 -7.36
N ILE B 5 -3.81 36.03 12.03
CA ILE B 5 -4.57 34.75 11.92
C ILE B 5 -4.80 34.15 13.31
N PRO B 6 -6.08 34.01 13.70
CA PRO B 6 -6.45 33.45 15.01
C PRO B 6 -6.05 31.98 15.15
N SER B 7 -5.94 31.51 16.38
CA SER B 7 -5.60 30.10 16.63
C SER B 7 -6.88 29.27 16.57
N LEU B 8 -6.88 28.24 15.74
CA LEU B 8 -8.04 27.37 15.60
C LEU B 8 -8.52 26.80 16.94
N ALA B 9 -7.64 26.11 17.65
CA ALA B 9 -8.03 25.52 18.94
C ALA B 9 -8.54 26.58 19.93
N GLU B 10 -7.86 27.72 19.97
CA GLU B 10 -8.24 28.81 20.88
C GLU B 10 -9.67 29.24 20.57
N ALA B 11 -10.00 29.32 19.29
CA ALA B 11 -11.34 29.72 18.86
C ALA B 11 -12.43 28.81 19.42
N PHE B 12 -12.09 27.54 19.63
CA PHE B 12 -13.06 26.58 20.15
C PHE B 12 -12.82 26.16 21.58
N ARG B 13 -12.06 26.96 22.33
CA ARG B 13 -11.75 26.63 23.72
C ARG B 13 -12.97 26.41 24.61
N ASP B 14 -14.08 27.08 24.28
CA ASP B 14 -15.30 26.93 25.09
C ASP B 14 -16.21 25.80 24.59
N TYR B 15 -15.72 25.02 23.64
CA TYR B 15 -16.52 23.93 23.09
C TYR B 15 -15.87 22.57 23.19
N PHE B 16 -14.66 22.45 22.65
CA PHE B 16 -13.92 21.19 22.68
C PHE B 16 -12.54 21.33 22.09
N PRO B 17 -11.61 20.47 22.51
CA PRO B 17 -10.28 20.61 21.92
C PRO B 17 -10.37 20.28 20.44
N ILE B 18 -9.43 20.81 19.66
CA ILE B 18 -9.37 20.57 18.23
C ILE B 18 -8.06 19.84 17.97
N GLY B 19 -8.14 18.65 17.39
CA GLY B 19 -6.92 17.90 17.14
C GLY B 19 -6.61 17.67 15.67
N ALA B 20 -5.49 17.03 15.41
CA ALA B 20 -5.07 16.72 14.05
C ALA B 20 -4.14 15.51 14.02
N ALA B 21 -4.26 14.73 12.95
CA ALA B 21 -3.41 13.56 12.75
C ALA B 21 -2.04 14.11 12.37
N ILE B 22 -0.99 13.37 12.70
CA ILE B 22 0.37 13.82 12.40
C ILE B 22 1.32 12.65 12.15
N GLU B 23 2.40 12.92 11.43
CA GLU B 23 3.44 11.94 11.13
C GLU B 23 4.69 12.43 11.89
N PRO B 24 5.58 11.50 12.28
CA PRO B 24 6.79 11.91 13.01
C PRO B 24 7.64 12.99 12.32
N GLY B 25 7.71 12.94 11.00
CA GLY B 25 8.49 13.94 10.27
C GLY B 25 7.88 15.33 10.29
N TYR B 26 6.65 15.45 10.78
CA TYR B 26 6.00 16.76 10.82
C TYR B 26 6.19 17.46 12.16
N THR B 27 6.99 16.87 13.05
CA THR B 27 7.22 17.47 14.37
C THR B 27 8.32 18.52 14.42
N THR B 28 8.84 18.90 13.26
CA THR B 28 9.87 19.94 13.18
C THR B 28 9.61 20.77 11.94
N GLY B 29 10.26 21.93 11.85
CA GLY B 29 10.08 22.78 10.70
C GLY B 29 8.81 23.62 10.70
N GLN B 30 8.50 24.21 9.55
CA GLN B 30 7.34 25.06 9.40
C GLN B 30 6.02 24.34 9.69
N ILE B 31 5.87 23.11 9.20
CA ILE B 31 4.64 22.35 9.42
C ILE B 31 4.39 22.19 10.92
N ALA B 32 5.46 21.96 11.68
CA ALA B 32 5.33 21.80 13.12
C ALA B 32 4.77 23.07 13.76
N GLU B 33 5.14 24.23 13.23
CA GLU B 33 4.68 25.52 13.75
C GLU B 33 3.17 25.68 13.57
N LEU B 34 2.67 25.17 12.45
CA LEU B 34 1.23 25.24 12.16
C LEU B 34 0.48 24.41 13.19
N TYR B 35 1.01 23.21 13.47
CA TYR B 35 0.39 22.33 14.46
C TYR B 35 0.36 23.01 15.83
N LYS B 36 1.52 23.51 16.27
CA LYS B 36 1.61 24.17 17.58
C LYS B 36 0.65 25.33 17.75
N LYS B 37 0.49 26.13 16.71
CA LYS B 37 -0.42 27.27 16.80
C LYS B 37 -1.90 26.92 16.80
N HIS B 38 -2.29 25.95 15.98
CA HIS B 38 -3.71 25.62 15.83
C HIS B 38 -4.39 24.44 16.51
N VAL B 39 -3.63 23.43 16.94
CA VAL B 39 -4.29 22.29 17.59
C VAL B 39 -3.75 21.99 18.98
N ASN B 40 -4.64 21.50 19.85
CA ASN B 40 -4.25 21.15 21.22
C ASN B 40 -4.45 19.65 21.49
N MET B 41 -4.46 18.87 20.41
CA MET B 41 -4.64 17.43 20.51
C MET B 41 -4.03 16.80 19.27
N LEU B 42 -3.38 15.65 19.43
CA LEU B 42 -2.75 14.97 18.32
C LEU B 42 -3.04 13.48 18.31
N VAL B 43 -2.98 12.90 17.12
CA VAL B 43 -3.18 11.47 16.94
C VAL B 43 -2.19 11.04 15.86
N ALA B 44 -1.63 9.85 15.98
CA ALA B 44 -0.66 9.37 15.00
C ALA B 44 -1.40 8.87 13.76
N GLU B 45 -1.09 9.45 12.61
CA GLU B 45 -1.74 9.04 11.37
C GLU B 45 -1.41 7.58 11.02
N ASN B 46 -0.18 7.17 11.29
CA ASN B 46 0.27 5.82 10.97
C ASN B 46 1.23 5.18 11.98
N ALA B 47 2.01 6.01 12.67
CA ALA B 47 3.02 5.54 13.61
C ALA B 47 2.61 4.66 14.78
N MET B 48 1.32 4.59 15.09
CA MET B 48 0.89 3.76 16.21
C MET B 48 0.01 2.59 15.81
N LYS B 49 0.00 2.25 14.53
CA LYS B 49 -0.76 1.10 14.05
C LYS B 49 0.09 -0.15 14.32
N PRO B 50 -0.55 -1.33 14.38
CA PRO B 50 0.18 -2.57 14.65
C PRO B 50 1.40 -2.84 13.77
N ALA B 51 1.27 -2.57 12.47
CA ALA B 51 2.37 -2.81 11.55
C ALA B 51 3.60 -1.97 11.87
N SER B 52 3.39 -0.87 12.59
CA SER B 52 4.50 0.00 12.95
C SER B 52 5.09 -0.32 14.32
N LEU B 53 4.23 -0.68 15.28
CA LEU B 53 4.71 -0.97 16.63
C LEU B 53 5.30 -2.36 16.86
N GLN B 54 4.72 -3.39 16.23
CA GLN B 54 5.26 -4.74 16.37
C GLN B 54 5.26 -5.46 15.01
N PRO B 55 6.09 -4.96 14.06
CA PRO B 55 6.20 -5.51 12.71
C PRO B 55 6.48 -7.02 12.67
N THR B 56 7.25 -7.51 13.64
CA THR B 56 7.51 -8.94 13.78
C THR B 56 7.36 -9.22 15.27
N GLU B 57 6.86 -10.39 15.61
CA GLU B 57 6.62 -10.75 17.00
C GLU B 57 7.80 -10.60 17.95
N GLY B 58 7.58 -9.84 19.01
CA GLY B 58 8.61 -9.61 20.02
C GLY B 58 9.60 -8.51 19.67
N ASN B 59 9.48 -7.96 18.47
CA ASN B 59 10.39 -6.89 18.03
C ASN B 59 9.65 -5.57 17.88
N PHE B 60 9.44 -4.89 19.00
CA PHE B 60 8.73 -3.61 18.98
C PHE B 60 9.59 -2.44 18.51
N GLN B 61 8.92 -1.46 17.90
CA GLN B 61 9.55 -0.24 17.42
C GLN B 61 8.79 0.92 18.04
N TRP B 62 9.44 1.63 18.96
CA TRP B 62 8.80 2.74 19.65
C TRP B 62 9.23 4.13 19.22
N ALA B 63 10.35 4.21 18.50
CA ALA B 63 10.91 5.50 18.08
C ALA B 63 9.94 6.54 17.51
N ASP B 64 9.27 6.21 16.40
CA ASP B 64 8.35 7.17 15.79
C ASP B 64 7.18 7.52 16.72
N ALA B 65 6.62 6.52 17.37
CA ALA B 65 5.50 6.75 18.28
C ALA B 65 5.93 7.64 19.44
N ASP B 66 7.09 7.34 20.03
CA ASP B 66 7.63 8.13 21.14
C ASP B 66 7.84 9.58 20.72
N ARG B 67 8.31 9.78 19.50
CA ARG B 67 8.57 11.12 18.99
C ARG B 67 7.30 11.96 18.97
N ILE B 68 6.20 11.38 18.52
CA ILE B 68 4.93 12.11 18.48
C ILE B 68 4.47 12.43 19.90
N VAL B 69 4.62 11.46 20.79
CA VAL B 69 4.22 11.66 22.19
C VAL B 69 5.01 12.80 22.81
N GLN B 70 6.32 12.82 22.56
CA GLN B 70 7.19 13.87 23.11
C GLN B 70 6.84 15.25 22.56
N PHE B 71 6.56 15.33 21.26
CA PHE B 71 6.19 16.60 20.64
C PHE B 71 4.90 17.13 21.29
N ALA B 72 3.95 16.23 21.52
CA ALA B 72 2.68 16.61 22.13
C ALA B 72 2.87 17.07 23.57
N LYS B 73 3.59 16.27 24.35
CA LYS B 73 3.83 16.59 25.76
C LYS B 73 4.53 17.93 25.97
N GLU B 74 5.61 18.19 25.23
CA GLU B 74 6.34 19.43 25.41
C GLU B 74 5.50 20.65 25.04
N ASN B 75 4.50 20.45 24.16
CA ASN B 75 3.64 21.55 23.75
C ASN B 75 2.27 21.54 24.41
N GLY B 76 2.12 20.68 25.42
CA GLY B 76 0.86 20.60 26.15
C GLY B 76 -0.36 20.15 25.38
N MET B 77 -0.14 19.29 24.38
CA MET B 77 -1.25 18.78 23.57
C MET B 77 -1.71 17.43 24.08
N GLU B 78 -3.03 17.20 24.04
CA GLU B 78 -3.60 15.93 24.45
C GLU B 78 -3.28 14.90 23.36
N LEU B 79 -3.31 13.62 23.71
CA LEU B 79 -3.01 12.57 22.75
C LEU B 79 -4.12 11.52 22.63
N ARG B 80 -4.26 10.96 21.43
CA ARG B 80 -5.23 9.89 21.18
C ARG B 80 -4.39 8.76 20.58
N PHE B 81 -4.77 7.52 20.86
CA PHE B 81 -4.06 6.38 20.31
C PHE B 81 -4.84 5.73 19.19
N HIS B 82 -4.23 5.67 18.01
CA HIS B 82 -4.86 5.07 16.85
C HIS B 82 -3.86 4.10 16.24
N THR B 83 -4.13 2.78 16.28
CA THR B 83 -5.31 2.16 16.88
C THR B 83 -4.83 0.75 17.24
N LEU B 84 -5.35 0.16 18.32
CA LEU B 84 -4.88 -1.16 18.74
C LEU B 84 -5.25 -2.36 17.88
N VAL B 85 -6.46 -2.35 17.31
CA VAL B 85 -6.94 -3.46 16.49
C VAL B 85 -7.57 -2.94 15.20
N TRP B 86 -7.13 -3.50 14.07
CA TRP B 86 -7.62 -3.08 12.77
C TRP B 86 -7.27 -4.13 11.71
N HIS B 87 -8.18 -4.36 10.77
CA HIS B 87 -7.92 -5.36 9.73
C HIS B 87 -6.84 -4.90 8.76
N ASN B 88 -6.59 -3.60 8.70
CA ASN B 88 -5.57 -3.04 7.82
C ASN B 88 -4.33 -2.70 8.62
N GLN B 89 -3.21 -2.54 7.92
CA GLN B 89 -1.93 -2.19 8.54
C GLN B 89 -1.61 -2.97 9.81
N THR B 90 -1.78 -4.29 9.70
CA THR B 90 -1.48 -5.22 10.78
C THR B 90 -0.61 -6.29 10.14
N PRO B 91 0.56 -6.59 10.73
CA PRO B 91 1.50 -7.60 10.22
C PRO B 91 0.81 -8.95 10.08
N ASP B 92 1.03 -9.64 8.96
CA ASP B 92 0.39 -10.93 8.74
C ASP B 92 0.81 -12.03 9.70
N TRP B 93 1.93 -11.86 10.39
CA TRP B 93 2.38 -12.91 11.32
C TRP B 93 1.35 -13.18 12.40
N PHE B 94 0.54 -12.18 12.73
CA PHE B 94 -0.51 -12.31 13.74
C PHE B 94 -1.45 -13.47 13.40
N PHE B 95 -1.76 -13.64 12.13
CA PHE B 95 -2.71 -14.67 11.70
C PHE B 95 -2.13 -15.94 11.07
N LEU B 96 -0.87 -16.23 11.36
CA LEU B 96 -0.25 -17.44 10.83
C LEU B 96 -0.15 -18.48 11.94
N ASP B 97 -0.39 -19.75 11.60
CA ASP B 97 -0.30 -20.81 12.60
C ASP B 97 1.16 -21.06 12.93
N LYS B 98 1.41 -21.98 13.85
CA LYS B 98 2.77 -22.31 14.28
C LYS B 98 3.69 -22.77 13.15
N GLU B 99 3.12 -23.03 11.97
CA GLU B 99 3.94 -23.48 10.84
C GLU B 99 3.99 -22.47 9.70
N GLY B 100 3.68 -21.21 9.99
CA GLY B 100 3.71 -20.16 8.99
C GLY B 100 2.61 -20.20 7.94
N LYS B 101 1.55 -20.95 8.21
CA LYS B 101 0.43 -21.04 7.27
C LYS B 101 -0.76 -20.26 7.82
N PRO B 102 -1.51 -19.58 6.95
CA PRO B 102 -2.67 -18.79 7.38
C PRO B 102 -3.69 -19.60 8.18
N MET B 103 -4.03 -19.12 9.37
CA MET B 103 -4.99 -19.80 10.24
C MET B 103 -6.35 -19.99 9.58
N VAL B 104 -6.77 -19.01 8.79
CA VAL B 104 -8.09 -19.09 8.13
C VAL B 104 -8.28 -20.24 7.14
N GLU B 105 -7.19 -20.92 6.78
CA GLU B 105 -7.28 -22.03 5.84
C GLU B 105 -7.28 -23.40 6.51
N GLU B 106 -7.35 -23.41 7.84
CA GLU B 106 -7.32 -24.65 8.59
C GLU B 106 -8.67 -25.36 8.78
N THR B 107 -8.60 -26.69 8.75
CA THR B 107 -9.77 -27.54 8.96
C THR B 107 -9.55 -28.13 10.35
N ASP B 108 -9.31 -29.43 10.46
CA ASP B 108 -9.07 -30.08 11.75
C ASP B 108 -9.67 -29.21 12.86
N PRO B 109 -10.98 -29.32 13.09
CA PRO B 109 -11.73 -28.58 14.10
C PRO B 109 -10.99 -28.27 15.41
N GLN B 110 -9.99 -29.09 15.72
CA GLN B 110 -9.22 -28.89 16.95
C GLN B 110 -8.03 -27.95 16.77
N LYS B 111 -7.54 -27.83 15.54
CA LYS B 111 -6.42 -26.94 15.28
C LYS B 111 -6.89 -25.49 15.22
N ARG B 112 -8.12 -25.29 14.77
CA ARG B 112 -8.68 -23.95 14.70
C ARG B 112 -8.86 -23.45 16.13
N GLU B 113 -9.26 -24.35 17.01
CA GLU B 113 -9.46 -24.02 18.42
C GLU B 113 -8.14 -23.54 19.03
N GLU B 114 -7.06 -24.23 18.70
CA GLU B 114 -5.75 -23.84 19.23
C GLU B 114 -5.32 -22.52 18.60
N ASN B 115 -5.65 -22.34 17.32
CA ASN B 115 -5.32 -21.11 16.61
C ASN B 115 -6.07 -19.93 17.20
N ARG B 116 -7.33 -20.16 17.57
CA ARG B 116 -8.16 -19.12 18.16
C ARG B 116 -7.52 -18.61 19.45
N LYS B 117 -7.12 -19.55 20.31
CA LYS B 117 -6.50 -19.19 21.58
C LYS B 117 -5.14 -18.55 21.38
N LEU B 118 -4.42 -19.00 20.36
CA LEU B 118 -3.10 -18.45 20.06
C LEU B 118 -3.23 -17.01 19.59
N LEU B 119 -4.18 -16.76 18.71
CA LEU B 119 -4.39 -15.42 18.20
C LEU B 119 -4.81 -14.46 19.32
N LEU B 120 -5.70 -14.93 20.19
CA LEU B 120 -6.14 -14.10 21.30
C LEU B 120 -5.01 -13.83 22.29
N GLN B 121 -4.09 -14.79 22.43
CA GLN B 121 -2.96 -14.58 23.34
C GLN B 121 -2.04 -13.52 22.75
N ARG B 122 -1.86 -13.56 21.43
CA ARG B 122 -1.01 -12.58 20.76
C ARG B 122 -1.63 -11.19 20.91
N LEU B 123 -2.95 -11.13 20.83
CA LEU B 123 -3.67 -9.87 20.98
C LEU B 123 -3.42 -9.31 22.37
N GLU B 124 -3.54 -10.19 23.38
CA GLU B 124 -3.33 -9.79 24.77
C GLU B 124 -1.90 -9.31 25.00
N ASN B 125 -0.93 -10.05 24.47
CA ASN B 125 0.49 -9.70 24.60
C ASN B 125 0.76 -8.32 24.01
N TYR B 126 0.21 -8.09 22.82
CA TYR B 126 0.39 -6.83 22.11
C TYR B 126 -0.18 -5.64 22.86
N ILE B 127 -1.46 -5.74 23.23
CA ILE B 127 -2.12 -4.66 23.96
C ILE B 127 -1.43 -4.35 25.29
N ARG B 128 -1.03 -5.38 26.02
CA ARG B 128 -0.37 -5.17 27.30
C ARG B 128 0.90 -4.33 27.16
N ALA B 129 1.74 -4.68 26.18
CA ALA B 129 2.98 -3.95 25.97
C ALA B 129 2.77 -2.49 25.56
N VAL B 130 1.86 -2.27 24.61
CA VAL B 130 1.60 -0.92 24.12
C VAL B 130 0.92 -0.03 25.16
N VAL B 131 -0.11 -0.57 25.80
CA VAL B 131 -0.86 0.18 26.80
C VAL B 131 -0.01 0.49 28.04
N LEU B 132 0.80 -0.48 28.47
CA LEU B 132 1.65 -0.23 29.63
C LEU B 132 2.62 0.91 29.33
N ARG B 133 3.11 0.97 28.10
CA ARG B 133 4.05 2.02 27.74
C ARG B 133 3.44 3.42 27.63
N TYR B 134 2.25 3.53 27.05
CA TYR B 134 1.64 4.84 26.84
C TYR B 134 0.46 5.27 27.71
N LYS B 135 -0.02 4.40 28.59
CA LYS B 135 -1.18 4.74 29.43
C LYS B 135 -1.08 6.05 30.20
N ASP B 136 0.10 6.37 30.70
CA ASP B 136 0.29 7.59 31.49
C ASP B 136 0.29 8.87 30.66
N ASP B 137 0.61 8.76 29.37
CA ASP B 137 0.66 9.93 28.51
C ASP B 137 -0.50 10.06 27.52
N ILE B 138 -1.15 8.95 27.19
CA ILE B 138 -2.27 8.96 26.27
C ILE B 138 -3.55 8.56 26.99
N LYS B 139 -4.54 9.43 26.99
CA LYS B 139 -5.79 9.15 27.70
C LYS B 139 -7.01 8.74 26.87
N SER B 140 -6.91 8.85 25.54
CA SER B 140 -8.03 8.48 24.68
C SER B 140 -7.55 7.41 23.69
N TRP B 141 -8.23 6.26 23.67
CA TRP B 141 -7.83 5.14 22.83
C TRP B 141 -8.82 4.54 21.83
N ASP B 142 -8.40 4.39 20.58
CA ASP B 142 -9.23 3.73 19.58
C ASP B 142 -8.82 2.26 19.77
N VAL B 143 -9.57 1.54 20.60
CA VAL B 143 -9.25 0.13 20.87
C VAL B 143 -9.46 -0.77 19.65
N VAL B 144 -10.61 -0.68 19.01
CA VAL B 144 -10.86 -1.45 17.80
C VAL B 144 -11.28 -0.46 16.74
N ASN B 145 -10.91 -0.74 15.50
CA ASN B 145 -11.19 0.15 14.39
C ASN B 145 -11.86 -0.57 13.23
N GLU B 146 -12.94 0.03 12.71
CA GLU B 146 -13.68 -0.49 11.57
C GLU B 146 -14.05 -1.98 11.61
N VAL B 147 -14.70 -2.40 12.70
CA VAL B 147 -15.08 -3.80 12.83
C VAL B 147 -16.49 -4.07 12.29
N ILE B 148 -17.17 -3.02 11.85
CA ILE B 148 -18.53 -3.15 11.33
C ILE B 148 -18.54 -3.07 9.79
N GLU B 149 -19.33 -3.95 9.17
CA GLU B 149 -19.46 -3.97 7.71
C GLU B 149 -20.83 -4.54 7.36
N PRO B 150 -21.81 -3.66 7.09
CA PRO B 150 -23.18 -4.06 6.75
C PRO B 150 -23.27 -5.07 5.60
N ASN B 151 -22.32 -5.02 4.69
CA ASN B 151 -22.29 -5.92 3.54
C ASN B 151 -21.86 -7.35 3.87
N ASP B 152 -21.30 -7.55 5.06
CA ASP B 152 -20.86 -8.89 5.45
C ASP B 152 -21.88 -9.58 6.35
N PRO B 153 -21.86 -10.92 6.38
CA PRO B 153 -22.79 -11.70 7.19
C PRO B 153 -22.86 -11.20 8.64
N GLY B 154 -24.07 -10.89 9.10
CA GLY B 154 -24.25 -10.42 10.46
C GLY B 154 -23.89 -8.96 10.69
N GLY B 155 -23.38 -8.31 9.65
CA GLY B 155 -23.00 -6.91 9.76
C GLY B 155 -21.64 -6.70 10.39
N MET B 156 -20.91 -7.80 10.62
CA MET B 156 -19.59 -7.73 11.21
C MET B 156 -18.56 -7.91 10.11
N ARG B 157 -17.53 -7.07 10.07
CA ARG B 157 -16.51 -7.17 9.04
C ARG B 157 -15.86 -8.56 9.10
N ASN B 158 -15.90 -9.26 7.97
CA ASN B 158 -15.34 -10.61 7.88
C ASN B 158 -13.83 -10.61 7.71
N SER B 159 -13.13 -9.98 8.65
CA SER B 159 -11.68 -9.91 8.62
C SER B 159 -11.11 -11.16 9.29
N PRO B 160 -9.79 -11.38 9.19
CA PRO B 160 -9.20 -12.55 9.82
C PRO B 160 -9.52 -12.56 11.32
N TRP B 161 -9.53 -11.39 11.94
CA TRP B 161 -9.86 -11.28 13.36
C TRP B 161 -11.19 -11.97 13.63
N TYR B 162 -12.18 -11.66 12.82
CA TYR B 162 -13.52 -12.21 12.98
C TYR B 162 -13.66 -13.67 12.52
N GLN B 163 -13.00 -14.00 11.41
CA GLN B 163 -13.06 -15.36 10.88
C GLN B 163 -12.52 -16.36 11.90
N ILE B 164 -11.53 -15.93 12.67
CA ILE B 164 -10.89 -16.80 13.65
C ILE B 164 -11.48 -16.73 15.06
N THR B 165 -11.89 -15.54 15.50
CA THR B 165 -12.41 -15.40 16.86
C THR B 165 -13.84 -14.87 16.99
N GLY B 166 -14.49 -14.58 15.86
CA GLY B 166 -15.84 -14.04 15.95
C GLY B 166 -15.72 -12.67 16.59
N THR B 167 -16.62 -12.35 17.52
CA THR B 167 -16.56 -11.05 18.20
C THR B 167 -15.65 -11.08 19.42
N GLU B 168 -15.10 -12.25 19.74
CA GLU B 168 -14.23 -12.40 20.90
C GLU B 168 -13.06 -11.42 20.93
N TYR B 169 -12.43 -11.19 19.78
CA TYR B 169 -11.29 -10.28 19.73
C TYR B 169 -11.66 -8.87 20.19
N ILE B 170 -12.90 -8.48 19.95
CA ILE B 170 -13.34 -7.15 20.36
C ILE B 170 -13.49 -7.08 21.88
N GLU B 171 -14.17 -8.07 22.45
CA GLU B 171 -14.37 -8.12 23.89
C GLU B 171 -13.01 -8.20 24.60
N VAL B 172 -12.13 -9.06 24.09
CA VAL B 172 -10.81 -9.23 24.67
C VAL B 172 -9.99 -7.95 24.58
N ALA B 173 -10.06 -7.27 23.44
CA ALA B 173 -9.31 -6.03 23.25
C ALA B 173 -9.68 -4.95 24.27
N PHE B 174 -10.98 -4.71 24.46
CA PHE B 174 -11.39 -3.70 25.43
C PHE B 174 -11.05 -4.10 26.87
N ARG B 175 -11.31 -5.36 27.24
CA ARG B 175 -10.99 -5.82 28.60
C ARG B 175 -9.49 -5.76 28.86
N ALA B 176 -8.69 -6.17 27.88
CA ALA B 176 -7.23 -6.14 28.04
C ALA B 176 -6.71 -4.71 28.17
N THR B 177 -7.31 -3.80 27.41
CA THR B 177 -6.87 -2.41 27.47
C THR B 177 -7.22 -1.79 28.82
N ARG B 178 -8.41 -2.10 29.32
CA ARG B 178 -8.83 -1.57 30.63
C ARG B 178 -7.94 -2.09 31.75
N GLU B 179 -7.64 -3.39 31.71
CA GLU B 179 -6.82 -3.98 32.77
C GLU B 179 -5.39 -3.48 32.78
N ALA B 180 -4.80 -3.30 31.60
CA ALA B 180 -3.44 -2.82 31.50
C ALA B 180 -3.36 -1.32 31.72
N GLY B 181 -4.35 -0.59 31.21
CA GLY B 181 -4.33 0.86 31.31
C GLY B 181 -4.94 1.55 32.52
N GLY B 182 -5.81 0.87 33.26
CA GLY B 182 -6.41 1.50 34.42
C GLY B 182 -7.77 2.11 34.09
N SER B 183 -8.47 2.57 35.12
CA SER B 183 -9.80 3.15 34.95
C SER B 183 -9.86 4.56 34.39
N ASP B 184 -8.73 5.25 34.34
CA ASP B 184 -8.70 6.62 33.86
C ASP B 184 -8.68 6.83 32.34
N ILE B 185 -8.15 5.88 31.59
CA ILE B 185 -8.12 6.06 30.14
C ILE B 185 -9.50 5.74 29.54
N LYS B 186 -9.84 6.47 28.48
CA LYS B 186 -11.14 6.30 27.83
C LYS B 186 -10.99 5.44 26.59
N LEU B 187 -11.85 4.43 26.48
CA LEU B 187 -11.81 3.47 25.38
C LEU B 187 -12.90 3.66 24.32
N TYR B 188 -12.49 3.69 23.06
CA TYR B 188 -13.43 3.89 21.97
C TYR B 188 -13.41 2.83 20.87
N ILE B 189 -14.56 2.69 20.22
CA ILE B 189 -14.70 1.80 19.07
C ILE B 189 -14.83 2.85 17.96
N ASN B 190 -13.92 2.81 16.99
CA ASN B 190 -13.88 3.78 15.91
C ASN B 190 -14.34 3.20 14.57
N ASP B 191 -15.00 4.03 13.76
CA ASP B 191 -15.46 3.57 12.45
C ASP B 191 -15.88 4.74 11.55
N TYR B 192 -16.07 4.45 10.26
CA TYR B 192 -16.50 5.48 9.30
C TYR B 192 -17.94 5.20 8.89
N ASN B 193 -18.58 6.21 8.30
CA ASN B 193 -19.97 6.10 7.90
C ASN B 193 -20.86 5.76 9.09
N THR B 194 -20.47 6.22 10.27
CA THR B 194 -21.25 5.96 11.47
C THR B 194 -22.57 6.73 11.47
N ASP B 195 -22.74 7.59 10.46
CA ASP B 195 -23.96 8.38 10.30
C ASP B 195 -25.00 7.61 9.49
N ASP B 196 -24.54 6.62 8.72
CA ASP B 196 -25.43 5.79 7.91
C ASP B 196 -26.30 4.98 8.86
N PRO B 197 -27.63 5.18 8.83
CA PRO B 197 -28.57 4.46 9.70
C PRO B 197 -28.29 2.97 9.93
N VAL B 198 -28.13 2.23 8.85
CA VAL B 198 -27.88 0.80 8.96
C VAL B 198 -26.59 0.47 9.73
N LYS B 199 -25.50 1.14 9.37
CA LYS B 199 -24.21 0.89 10.04
C LYS B 199 -24.25 1.41 11.47
N ARG B 200 -24.88 2.55 11.66
CA ARG B 200 -25.02 3.16 12.99
C ARG B 200 -25.70 2.17 13.94
N ASP B 201 -26.79 1.57 13.48
CA ASP B 201 -27.55 0.63 14.29
C ASP B 201 -26.89 -0.71 14.54
N ILE B 202 -26.12 -1.20 13.58
CA ILE B 202 -25.41 -2.46 13.77
C ILE B 202 -24.37 -2.23 14.87
N LEU B 203 -23.71 -1.07 14.81
CA LEU B 203 -22.70 -0.70 15.79
C LEU B 203 -23.34 -0.51 17.16
N TYR B 204 -24.50 0.15 17.18
CA TYR B 204 -25.23 0.40 18.42
C TYR B 204 -25.56 -0.91 19.13
N GLU B 205 -26.15 -1.85 18.38
CA GLU B 205 -26.53 -3.15 18.93
C GLU B 205 -25.34 -3.92 19.48
N LEU B 206 -24.23 -3.88 18.75
CA LEU B 206 -23.02 -4.57 19.17
C LEU B 206 -22.49 -3.98 20.48
N VAL B 207 -22.41 -2.65 20.53
CA VAL B 207 -21.93 -1.97 21.73
C VAL B 207 -22.84 -2.20 22.94
N LYS B 208 -24.14 -2.11 22.73
CA LYS B 208 -25.06 -2.32 23.84
C LYS B 208 -24.93 -3.74 24.37
N ASN B 209 -24.79 -4.70 23.45
CA ASN B 209 -24.64 -6.10 23.83
C ASN B 209 -23.36 -6.31 24.65
N LEU B 210 -22.27 -5.67 24.22
CA LEU B 210 -20.99 -5.80 24.94
C LEU B 210 -21.05 -5.11 26.29
N LEU B 211 -21.66 -3.94 26.35
CA LEU B 211 -21.78 -3.21 27.61
C LEU B 211 -22.56 -4.05 28.62
N GLU B 212 -23.55 -4.78 28.14
CA GLU B 212 -24.39 -5.61 28.99
C GLU B 212 -23.65 -6.81 29.58
N LYS B 213 -22.59 -7.27 28.92
CA LYS B 213 -21.85 -8.39 29.47
C LYS B 213 -20.58 -7.94 30.20
N GLY B 214 -20.52 -6.66 30.51
CA GLY B 214 -19.40 -6.12 31.27
C GLY B 214 -18.19 -5.58 30.50
N VAL B 215 -18.26 -5.53 29.18
CA VAL B 215 -17.14 -5.02 28.41
C VAL B 215 -17.00 -3.51 28.59
N PRO B 216 -15.80 -3.03 28.93
CA PRO B 216 -15.59 -1.60 29.14
C PRO B 216 -15.45 -0.77 27.86
N ILE B 217 -16.51 -0.08 27.48
CA ILE B 217 -16.50 0.77 26.29
C ILE B 217 -16.99 2.16 26.74
N ASP B 218 -16.15 3.17 26.55
CA ASP B 218 -16.49 4.53 26.97
C ASP B 218 -17.11 5.41 25.90
N GLY B 219 -16.84 5.11 24.63
CA GLY B 219 -17.40 5.95 23.60
C GLY B 219 -17.24 5.43 22.18
N VAL B 220 -17.80 6.20 21.24
CA VAL B 220 -17.73 5.87 19.83
C VAL B 220 -16.94 6.91 19.07
N GLY B 221 -16.05 6.45 18.19
CA GLY B 221 -15.27 7.35 17.38
C GLY B 221 -15.93 7.44 16.02
N HIS B 222 -16.26 8.66 15.58
CA HIS B 222 -16.90 8.90 14.29
C HIS B 222 -15.83 9.49 13.38
N GLN B 223 -15.27 8.66 12.49
CA GLN B 223 -14.22 9.12 11.59
C GLN B 223 -14.63 10.37 10.84
N THR B 224 -15.86 10.36 10.34
CA THR B 224 -16.41 11.50 9.61
C THR B 224 -15.57 11.92 8.40
N HIS B 225 -15.26 10.94 7.55
CA HIS B 225 -14.54 11.19 6.31
C HIS B 225 -15.68 11.49 5.36
N ILE B 226 -15.96 12.76 5.14
CA ILE B 226 -17.08 13.16 4.29
C ILE B 226 -16.61 13.99 3.10
N ASP B 227 -17.56 14.56 2.36
CA ASP B 227 -17.20 15.41 1.23
C ASP B 227 -18.09 16.65 1.17
N ILE B 228 -17.81 17.54 0.22
CA ILE B 228 -18.55 18.78 0.11
C ILE B 228 -20.02 18.63 -0.30
N TYR B 229 -20.43 17.41 -0.60
CA TYR B 229 -21.80 17.15 -1.02
C TYR B 229 -22.58 16.26 -0.05
N ASN B 230 -21.96 15.19 0.41
CA ASN B 230 -22.60 14.24 1.31
C ASN B 230 -21.72 13.94 2.53
N PRO B 231 -22.33 13.53 3.66
CA PRO B 231 -23.76 13.32 3.91
C PRO B 231 -24.37 14.53 4.64
N PRO B 232 -25.68 14.50 4.89
CA PRO B 232 -26.33 15.61 5.60
C PRO B 232 -25.80 15.74 7.02
N VAL B 233 -25.58 16.96 7.47
CA VAL B 233 -25.08 17.22 8.82
C VAL B 233 -26.03 16.65 9.86
N GLU B 234 -27.32 16.67 9.55
CA GLU B 234 -28.31 16.15 10.49
C GLU B 234 -28.10 14.66 10.81
N ARG B 235 -27.66 13.88 9.82
CA ARG B 235 -27.43 12.45 10.04
C ARG B 235 -26.25 12.24 11.00
N ILE B 236 -25.21 13.04 10.81
CA ILE B 236 -24.03 12.95 11.65
C ILE B 236 -24.40 13.19 13.11
N ILE B 237 -25.21 14.23 13.35
CA ILE B 237 -25.65 14.58 14.70
C ILE B 237 -26.61 13.54 15.30
N GLU B 238 -27.49 12.98 14.48
CA GLU B 238 -28.43 11.97 14.97
C GLU B 238 -27.70 10.76 15.52
N SER B 239 -26.61 10.37 14.85
CA SER B 239 -25.82 9.22 15.28
C SER B 239 -25.17 9.51 16.64
N ILE B 240 -24.59 10.70 16.77
CA ILE B 240 -23.96 11.12 18.01
C ILE B 240 -24.95 11.12 19.17
N LYS B 241 -26.15 11.65 18.91
CA LYS B 241 -27.18 11.70 19.95
C LYS B 241 -27.64 10.31 20.36
N LYS B 242 -27.71 9.39 19.40
CA LYS B 242 -28.15 8.05 19.71
C LYS B 242 -27.17 7.33 20.63
N PHE B 243 -25.88 7.40 20.32
CA PHE B 243 -24.88 6.76 21.16
C PHE B 243 -24.82 7.41 22.53
N ALA B 244 -25.11 8.71 22.58
CA ALA B 244 -25.11 9.43 23.84
C ALA B 244 -26.17 8.83 24.75
N GLY B 245 -27.21 8.26 24.13
CA GLY B 245 -28.29 7.64 24.88
C GLY B 245 -27.83 6.42 25.66
N LEU B 246 -26.69 5.86 25.26
CA LEU B 246 -26.13 4.69 25.95
C LEU B 246 -25.11 5.13 27.00
N GLY B 247 -25.02 6.43 27.20
CA GLY B 247 -24.08 6.97 28.17
C GLY B 247 -22.68 6.99 27.59
N LEU B 248 -22.58 6.88 26.27
CA LEU B 248 -21.30 6.87 25.58
C LEU B 248 -20.86 8.26 25.14
N ASP B 249 -19.55 8.49 25.16
CA ASP B 249 -18.96 9.75 24.70
C ASP B 249 -18.86 9.61 23.19
N ASN B 250 -18.73 10.73 22.48
CA ASN B 250 -18.59 10.73 21.02
C ASN B 250 -17.41 11.61 20.66
N ILE B 251 -16.61 11.15 19.71
CA ILE B 251 -15.47 11.93 19.27
C ILE B 251 -15.45 11.93 17.74
N ILE B 252 -15.26 13.10 17.13
CA ILE B 252 -15.13 13.17 15.68
C ILE B 252 -13.63 12.91 15.59
N THR B 253 -13.27 11.73 15.11
CA THR B 253 -11.88 11.30 15.07
C THR B 253 -10.98 11.54 13.87
N GLU B 254 -11.53 11.58 12.67
CA GLU B 254 -10.69 11.74 11.47
C GLU B 254 -11.34 12.64 10.42
N LEU B 255 -11.86 13.77 10.88
CA LEU B 255 -12.54 14.71 10.00
C LEU B 255 -11.73 15.30 8.83
N ASP B 256 -12.30 15.19 7.64
CA ASP B 256 -11.76 15.79 6.43
C ASP B 256 -12.90 15.84 5.43
N MET B 257 -12.79 16.70 4.42
CA MET B 257 -13.87 16.85 3.46
C MET B 257 -13.38 16.92 2.02
N SER B 258 -13.43 15.78 1.34
CA SER B 258 -13.00 15.69 -0.05
C SER B 258 -13.83 16.64 -0.90
N ILE B 259 -13.21 17.22 -1.94
CA ILE B 259 -13.92 18.12 -2.83
C ILE B 259 -14.47 17.36 -4.05
N TYR B 260 -14.39 16.04 -3.99
CA TYR B 260 -14.90 15.19 -5.06
C TYR B 260 -15.98 14.26 -4.53
N SER B 261 -17.01 14.01 -5.34
CA SER B 261 -18.07 13.10 -4.92
C SER B 261 -17.51 11.67 -5.01
N TRP B 262 -18.24 10.72 -4.43
CA TRP B 262 -17.81 9.32 -4.38
C TRP B 262 -17.47 8.68 -5.73
N ASN B 263 -18.24 9.00 -6.77
CA ASN B 263 -18.02 8.42 -8.08
C ASN B 263 -17.20 9.28 -9.03
N ASP B 264 -16.62 10.36 -8.53
CA ASP B 264 -15.83 11.26 -9.37
C ASP B 264 -14.37 10.87 -9.34
N ARG B 265 -13.76 10.73 -10.52
CA ARG B 265 -12.34 10.37 -10.60
C ARG B 265 -11.56 11.42 -11.39
N SER B 266 -12.14 12.61 -11.52
CA SER B 266 -11.48 13.69 -12.24
C SER B 266 -10.47 14.36 -11.31
N ASP B 267 -9.70 15.30 -11.86
CA ASP B 267 -8.66 15.99 -11.10
C ASP B 267 -8.70 17.48 -11.41
N TYR B 268 -8.95 18.31 -10.40
CA TYR B 268 -8.98 19.76 -10.61
C TYR B 268 -7.56 20.26 -10.88
N GLY B 269 -6.57 19.46 -10.51
CA GLY B 269 -5.18 19.82 -10.74
C GLY B 269 -4.78 21.17 -10.19
N ASP B 270 -4.22 22.03 -11.04
CA ASP B 270 -3.79 23.34 -10.59
C ASP B 270 -4.86 24.42 -10.74
N SER B 271 -6.12 24.02 -10.72
CA SER B 271 -7.22 24.98 -10.82
C SER B 271 -8.48 24.52 -10.09
N ILE B 272 -8.47 24.66 -8.78
CA ILE B 272 -9.64 24.30 -7.98
C ILE B 272 -10.57 25.51 -8.06
N PRO B 273 -11.77 25.35 -8.63
CA PRO B 273 -12.69 26.48 -8.74
C PRO B 273 -12.95 27.16 -7.39
N ASP B 274 -12.99 28.48 -7.40
CA ASP B 274 -13.23 29.24 -6.18
C ASP B 274 -14.55 28.81 -5.52
N TYR B 275 -15.58 28.56 -6.32
CA TYR B 275 -16.87 28.20 -5.74
C TYR B 275 -16.82 26.84 -5.04
N ILE B 276 -15.90 25.97 -5.45
CA ILE B 276 -15.79 24.66 -4.81
C ILE B 276 -15.31 24.85 -3.36
N LEU B 277 -14.35 25.75 -3.16
CA LEU B 277 -13.84 26.02 -1.82
C LEU B 277 -14.90 26.74 -1.01
N THR B 278 -15.77 27.49 -1.68
CA THR B 278 -16.84 28.20 -1.01
C THR B 278 -17.88 27.18 -0.53
N LEU B 279 -18.19 26.19 -1.36
CA LEU B 279 -19.15 25.16 -0.97
C LEU B 279 -18.59 24.42 0.25
N GLN B 280 -17.30 24.14 0.23
CA GLN B 280 -16.63 23.46 1.34
C GLN B 280 -16.76 24.29 2.62
N ALA B 281 -16.52 25.59 2.50
CA ALA B 281 -16.61 26.49 3.64
C ALA B 281 -18.00 26.43 4.27
N LYS B 282 -19.04 26.47 3.44
CA LYS B 282 -20.41 26.42 3.93
C LYS B 282 -20.69 25.11 4.65
N ARG B 283 -20.22 24.01 4.07
CA ARG B 283 -20.41 22.68 4.66
C ARG B 283 -19.76 22.59 6.03
N TYR B 284 -18.53 23.09 6.13
CA TYR B 284 -17.81 23.06 7.41
C TYR B 284 -18.50 23.95 8.44
N GLN B 285 -19.00 25.10 7.98
CA GLN B 285 -19.69 26.02 8.88
C GLN B 285 -20.95 25.37 9.43
N GLU B 286 -21.68 24.67 8.56
CA GLU B 286 -22.90 23.98 8.97
C GLU B 286 -22.56 22.88 9.97
N LEU B 287 -21.51 22.12 9.66
CA LEU B 287 -21.09 21.04 10.54
C LEU B 287 -20.70 21.53 11.92
N PHE B 288 -19.83 22.54 11.97
CA PHE B 288 -19.39 23.06 13.26
C PHE B 288 -20.48 23.78 14.04
N ASP B 289 -21.46 24.37 13.36
CA ASP B 289 -22.55 25.02 14.07
C ASP B 289 -23.26 23.95 14.88
N ALA B 290 -23.45 22.79 14.24
CA ALA B 290 -24.12 21.67 14.87
C ALA B 290 -23.26 21.02 15.97
N LEU B 291 -21.97 20.85 15.70
CA LEU B 291 -21.08 20.24 16.69
C LEU B 291 -21.01 21.11 17.95
N LYS B 292 -20.93 22.42 17.76
CA LYS B 292 -20.86 23.34 18.89
C LYS B 292 -22.10 23.25 19.77
N GLU B 293 -23.26 23.10 19.13
CA GLU B 293 -24.52 23.00 19.85
C GLU B 293 -24.60 21.71 20.64
N ASN B 294 -23.77 20.74 20.27
CA ASN B 294 -23.75 19.44 20.93
C ASN B 294 -22.42 19.15 21.61
N LYS B 295 -21.71 20.20 22.02
CA LYS B 295 -20.42 20.03 22.67
C LYS B 295 -20.46 19.21 23.95
N ASP B 296 -21.64 19.10 24.55
CA ASP B 296 -21.73 18.34 25.80
C ASP B 296 -21.83 16.83 25.61
N ILE B 297 -21.86 16.39 24.34
CA ILE B 297 -21.88 14.96 24.04
C ILE B 297 -20.80 14.63 23.00
N VAL B 298 -19.94 15.61 22.74
CA VAL B 298 -18.81 15.46 21.81
C VAL B 298 -17.61 16.04 22.56
N SER B 299 -16.75 15.16 23.06
CA SER B 299 -15.60 15.60 23.84
C SER B 299 -14.42 16.16 23.05
N ALA B 300 -14.38 15.89 21.75
CA ALA B 300 -13.29 16.38 20.91
C ALA B 300 -13.57 16.27 19.43
N VAL B 301 -12.94 17.16 18.65
CA VAL B 301 -13.08 17.17 17.20
C VAL B 301 -11.67 17.12 16.62
N VAL B 302 -11.35 16.02 15.96
CA VAL B 302 -10.02 15.82 15.38
C VAL B 302 -10.09 15.68 13.86
N PHE B 303 -9.23 16.45 13.18
CA PHE B 303 -9.12 16.44 11.72
C PHE B 303 -8.06 15.42 11.32
N TRP B 304 -8.23 14.78 10.17
CA TRP B 304 -7.23 13.82 9.73
C TRP B 304 -6.13 14.57 8.99
N GLY B 305 -5.45 15.47 9.71
CA GLY B 305 -4.40 16.25 9.11
C GLY B 305 -4.65 17.72 9.39
N ILE B 306 -3.81 18.60 8.86
CA ILE B 306 -3.99 20.02 9.10
C ILE B 306 -3.82 20.86 7.84
N SER B 307 -3.01 20.37 6.91
CA SER B 307 -2.77 21.08 5.64
C SER B 307 -3.04 20.19 4.44
N ASP B 308 -3.59 20.78 3.38
CA ASP B 308 -3.88 20.04 2.16
C ASP B 308 -2.62 19.48 1.52
N LYS B 309 -1.46 19.94 2.00
CA LYS B 309 -0.19 19.45 1.48
C LYS B 309 -0.01 17.99 1.89
N TYR B 310 -0.59 17.63 3.03
CA TYR B 310 -0.47 16.27 3.58
C TYR B 310 -1.82 15.67 3.91
N SER B 311 -2.39 14.95 2.95
CA SER B 311 -3.68 14.30 3.13
C SER B 311 -3.76 13.01 2.33
N TRP B 312 -4.24 11.95 2.97
CA TRP B 312 -4.36 10.67 2.27
C TRP B 312 -5.31 10.81 1.08
N LEU B 313 -6.19 11.81 1.12
CA LEU B 313 -7.13 12.02 0.04
C LEU B 313 -6.49 12.52 -1.26
N ASN B 314 -5.22 12.85 -1.22
CA ASN B 314 -4.54 13.29 -2.43
C ASN B 314 -4.01 12.04 -3.15
N GLY B 315 -4.19 10.89 -2.50
CA GLY B 315 -3.72 9.64 -3.09
C GLY B 315 -4.79 8.56 -3.16
N PHE B 316 -5.86 8.73 -2.39
CA PHE B 316 -6.95 7.76 -2.38
C PHE B 316 -8.29 8.43 -2.66
N PRO B 317 -9.09 7.84 -3.55
CA PRO B 317 -8.84 6.60 -4.30
C PRO B 317 -7.82 6.66 -5.42
N VAL B 318 -7.47 7.88 -5.85
CA VAL B 318 -6.50 8.08 -6.91
C VAL B 318 -5.58 9.25 -6.59
N LYS B 319 -4.44 9.32 -7.27
CA LYS B 319 -3.51 10.41 -7.03
C LYS B 319 -4.00 11.62 -7.82
N ARG B 320 -4.33 12.68 -7.11
CA ARG B 320 -4.84 13.90 -7.72
C ARG B 320 -4.78 15.03 -6.70
N THR B 321 -5.18 16.22 -7.11
CA THR B 321 -5.16 17.37 -6.22
C THR B 321 -6.50 17.52 -5.48
N ASN B 322 -6.50 17.14 -4.21
CA ASN B 322 -7.70 17.26 -3.38
C ASN B 322 -7.41 18.47 -2.48
N ALA B 323 -8.34 18.85 -1.61
CA ALA B 323 -8.16 20.00 -0.71
C ALA B 323 -9.21 19.81 0.39
N PRO B 324 -9.04 18.77 1.21
CA PRO B 324 -9.92 18.39 2.30
C PRO B 324 -9.88 19.10 3.65
N LEU B 325 -8.83 19.89 3.89
CA LEU B 325 -8.66 20.52 5.19
C LEU B 325 -8.84 22.05 5.28
N LEU B 326 -8.46 22.63 6.41
CA LEU B 326 -8.63 24.07 6.62
C LEU B 326 -7.49 24.98 6.14
N PHE B 327 -6.31 24.41 5.96
CA PHE B 327 -5.14 25.17 5.49
C PHE B 327 -4.69 24.59 4.15
N ASP B 328 -4.27 25.46 3.24
CA ASP B 328 -3.84 25.00 1.93
C ASP B 328 -2.40 24.50 1.91
N ARG B 329 -1.91 24.21 0.71
CA ARG B 329 -0.56 23.68 0.54
C ARG B 329 0.55 24.65 0.96
N ASN B 330 0.21 25.92 1.10
CA ASN B 330 1.18 26.92 1.53
C ASN B 330 0.95 27.25 3.00
N PHE B 331 0.16 26.40 3.65
CA PHE B 331 -0.17 26.55 5.06
C PHE B 331 -0.97 27.82 5.34
N MET B 332 -1.69 28.32 4.34
CA MET B 332 -2.50 29.52 4.50
C MET B 332 -3.95 29.12 4.76
N PRO B 333 -4.66 29.90 5.60
CA PRO B 333 -6.07 29.57 5.88
C PRO B 333 -6.97 29.64 4.64
N LYS B 334 -7.84 28.65 4.50
CA LYS B 334 -8.77 28.58 3.38
C LYS B 334 -10.11 29.18 3.81
N PRO B 335 -11.06 29.31 2.86
CA PRO B 335 -12.37 29.85 3.21
C PRO B 335 -13.02 29.07 4.35
N ALA B 336 -12.82 27.76 4.37
CA ALA B 336 -13.40 26.92 5.41
C ALA B 336 -12.90 27.31 6.81
N PHE B 337 -11.64 27.77 6.89
CA PHE B 337 -11.07 28.18 8.17
C PHE B 337 -11.84 29.40 8.70
N TRP B 338 -11.94 30.44 7.88
CA TRP B 338 -12.62 31.66 8.28
C TRP B 338 -14.11 31.41 8.54
N ALA B 339 -14.70 30.51 7.77
CA ALA B 339 -16.11 30.19 7.92
C ALA B 339 -16.44 29.67 9.32
N ILE B 340 -15.54 28.92 9.93
CA ILE B 340 -15.82 28.39 11.26
C ILE B 340 -15.15 29.17 12.38
N VAL B 341 -14.18 30.02 12.05
CA VAL B 341 -13.48 30.82 13.05
C VAL B 341 -14.03 32.25 13.18
N ASP B 342 -14.19 32.96 12.06
CA ASP B 342 -14.71 34.32 12.06
C ASP B 342 -15.69 34.36 10.92
N PRO B 343 -16.92 33.93 11.17
CA PRO B 343 -18.12 33.84 10.33
C PRO B 343 -18.73 35.19 9.92
#